data_3E7O
#
_entry.id   3E7O
#
_cell.length_a   161.688
_cell.length_b   78.784
_cell.length_c   78.927
_cell.angle_alpha   90.00
_cell.angle_beta   96.43
_cell.angle_gamma   90.00
#
_symmetry.space_group_name_H-M   'C 1 2 1'
#
loop_
_entity.id
_entity.type
_entity.pdbx_description
1 polymer 'Mitogen-activated protein kinase 9'
2 non-polymer N-{3-[5-(1H-1,2,4-triazol-3-yl)-1H-indazol-3-yl]phenyl}furan-2-carboxamide
3 water water
#
_entity_poly.entity_id   1
_entity_poly.type   'polypeptide(L)'
_entity_poly.pdbx_seq_one_letter_code
;GSHMDSQFYSVQVADSTFTVLKRYQQLKPIGSGAQGIVCAAFDTVLGINVAVKKLSRPFQNQTHAKRAYRELVLLKCVNH
KNIISLLNVFTPQKTLEEFQDVYLVMELMDANLCQVIHMELDHERMSYLLYQMLCGIKHLHSAGIIHRDLKPSNIVVKSD
CTLKILDFGLARTASTNFMMTPYVVTRYYRAPEVILGMGYKENVDIWSVGCIMGELVKGSVIFQGTDHIDQWNKVIEQLG
TPSAEFMAALQPTVRNYVENRPAYPGIAFEELFPDWIFPSESERDKIKTSQARDLLSKMLVIDPDKRISVDEALRHPYIT
VWYDPAEAEAPPPQIYDAQLEEREHAIEEWKELIYKEVMD
;
_entity_poly.pdbx_strand_id   A,B
#
# COMPACT_ATOMS: atom_id res chain seq x y z
N GLN A 7 4.51 -43.12 2.55
CA GLN A 7 3.67 -42.94 1.32
C GLN A 7 3.01 -41.57 1.30
N PHE A 8 2.79 -41.06 0.10
CA PHE A 8 2.40 -39.68 -0.13
C PHE A 8 1.09 -39.56 -0.92
N TYR A 9 0.45 -38.41 -0.81
CA TYR A 9 -0.69 -38.05 -1.65
C TYR A 9 -0.59 -36.57 -1.99
N SER A 10 -1.24 -36.14 -3.07
CA SER A 10 -1.17 -34.75 -3.53
C SER A 10 -2.50 -34.02 -3.34
N VAL A 11 -2.41 -32.75 -2.93
CA VAL A 11 -3.58 -31.87 -2.86
C VAL A 11 -3.33 -30.49 -3.45
N GLN A 12 -4.34 -29.96 -4.15
CA GLN A 12 -4.27 -28.62 -4.72
C GLN A 12 -4.72 -27.64 -3.65
N VAL A 13 -3.79 -26.82 -3.17
CA VAL A 13 -4.06 -25.85 -2.10
C VAL A 13 -3.74 -24.44 -2.57
N ALA A 14 -4.76 -23.57 -2.48
CA ALA A 14 -4.68 -22.18 -2.96
C ALA A 14 -3.87 -22.03 -4.26
N ASP A 15 -4.30 -22.75 -5.30
CA ASP A 15 -3.64 -22.71 -6.61
C ASP A 15 -2.14 -23.10 -6.56
N SER A 16 -1.81 -24.02 -5.65
CA SER A 16 -0.51 -24.67 -5.58
C SER A 16 -0.74 -26.14 -5.27
N THR A 17 0.21 -27.00 -5.63
CA THR A 17 0.09 -28.43 -5.34
C THR A 17 1.04 -28.89 -4.23
N PHE A 18 0.47 -29.39 -3.14
CA PHE A 18 1.22 -29.95 -2.03
C PHE A 18 1.24 -31.46 -2.16
N THR A 19 2.41 -32.06 -1.97
CA THR A 19 2.52 -33.52 -1.88
C THR A 19 3.11 -33.88 -0.54
N VAL A 20 2.26 -34.41 0.35
CA VAL A 20 2.65 -34.62 1.73
C VAL A 20 2.45 -36.06 2.18
N LEU A 21 3.08 -36.42 3.29
CA LEU A 21 2.84 -37.70 3.94
C LEU A 21 1.36 -37.82 4.31
N LYS A 22 0.86 -39.05 4.31
CA LYS A 22 -0.57 -39.32 4.51
C LYS A 22 -1.08 -39.00 5.92
N ARG A 23 -0.17 -38.94 6.88
CA ARG A 23 -0.49 -38.50 8.25
C ARG A 23 -1.01 -37.06 8.30
N TYR A 24 -0.60 -36.24 7.34
CA TYR A 24 -1.00 -34.83 7.27
C TYR A 24 -2.25 -34.64 6.40
N GLN A 25 -3.37 -34.32 7.04
CA GLN A 25 -4.67 -34.31 6.40
C GLN A 25 -5.42 -32.99 6.54
N GLN A 26 -6.37 -32.77 5.61
CA GLN A 26 -7.26 -31.61 5.63
C GLN A 26 -6.47 -30.30 5.60
N LEU A 27 -5.58 -30.19 4.63
CA LEU A 27 -4.75 -29.00 4.48
C LEU A 27 -5.58 -27.77 4.11
N LYS A 28 -5.34 -26.69 4.84
CA LYS A 28 -5.97 -25.40 4.55
C LYS A 28 -4.97 -24.27 4.68
N PRO A 29 -4.87 -23.41 3.64
CA PRO A 29 -3.85 -22.36 3.61
C PRO A 29 -4.04 -21.33 4.72
N ILE A 30 -2.94 -20.90 5.32
CA ILE A 30 -2.95 -19.90 6.39
C ILE A 30 -1.95 -18.76 6.13
N GLY A 31 -1.02 -18.99 5.20
CA GLY A 31 0.05 -18.04 4.90
C GLY A 31 0.64 -18.19 3.51
N SER A 32 1.00 -17.06 2.90
CA SER A 32 1.53 -17.01 1.55
C SER A 32 2.92 -16.39 1.52
N GLY A 33 3.34 -15.97 0.32
CA GLY A 33 4.60 -15.24 0.14
C GLY A 33 5.70 -16.05 -0.49
N ALA A 34 6.80 -15.38 -0.82
CA ALA A 34 7.98 -16.01 -1.40
C ALA A 34 8.79 -16.70 -0.31
N GLN A 35 9.47 -17.79 -0.71
CA GLN A 35 10.26 -18.69 0.16
C GLN A 35 9.44 -19.81 0.82
N GLY A 36 8.11 -19.62 0.91
CA GLY A 36 7.25 -20.62 1.53
C GLY A 36 5.75 -20.34 1.47
N ILE A 37 4.99 -21.39 1.20
CA ILE A 37 3.53 -21.36 1.27
C ILE A 37 3.11 -22.30 2.41
N VAL A 38 2.19 -21.84 3.24
CA VAL A 38 1.93 -22.50 4.52
C VAL A 38 0.47 -22.93 4.66
N CYS A 39 0.30 -24.17 5.11
CA CYS A 39 -1.02 -24.74 5.35
C CYS A 39 -1.11 -25.27 6.77
N ALA A 40 -2.30 -25.17 7.36
CA ALA A 40 -2.64 -25.94 8.55
C ALA A 40 -3.06 -27.34 8.11
N ALA A 41 -2.62 -28.36 8.84
CA ALA A 41 -3.00 -29.74 8.59
C ALA A 41 -3.23 -30.46 9.91
N PHE A 42 -4.19 -31.38 9.91
CA PHE A 42 -4.37 -32.26 11.05
C PHE A 42 -3.41 -33.44 10.92
N ASP A 43 -2.62 -33.68 11.97
CA ASP A 43 -1.59 -34.74 11.96
C ASP A 43 -2.15 -35.97 12.66
N THR A 44 -2.46 -37.01 11.89
CA THR A 44 -3.16 -38.20 12.42
C THR A 44 -2.30 -39.06 13.34
N VAL A 45 -0.97 -38.90 13.28
CA VAL A 45 -0.08 -39.61 14.21
C VAL A 45 -0.07 -38.95 15.59
N LEU A 46 -0.02 -37.62 15.60
CA LEU A 46 0.07 -36.82 16.83
C LEU A 46 -1.28 -36.38 17.37
N GLY A 47 -2.31 -36.37 16.50
CA GLY A 47 -3.65 -35.97 16.91
C GLY A 47 -3.78 -34.49 17.18
N ILE A 48 -2.93 -33.70 16.52
CA ILE A 48 -2.96 -32.25 16.63
C ILE A 48 -2.89 -31.59 15.25
N ASN A 49 -3.37 -30.35 15.17
CA ASN A 49 -3.19 -29.54 13.98
C ASN A 49 -1.75 -28.98 13.96
N VAL A 50 -1.11 -29.02 12.79
CA VAL A 50 0.25 -28.52 12.60
C VAL A 50 0.29 -27.53 11.43
N ALA A 51 1.45 -26.91 11.21
CA ALA A 51 1.69 -26.03 10.07
C ALA A 51 2.66 -26.69 9.09
N VAL A 52 2.24 -26.80 7.84
CA VAL A 52 3.06 -27.41 6.81
C VAL A 52 3.52 -26.32 5.84
N LYS A 53 4.83 -26.15 5.76
CA LYS A 53 5.43 -25.15 4.89
C LYS A 53 6.22 -25.82 3.76
N LYS A 54 5.88 -25.47 2.53
CA LYS A 54 6.59 -25.95 1.37
C LYS A 54 7.54 -24.85 0.93
N LEU A 55 8.84 -25.13 0.98
CA LEU A 55 9.82 -24.13 0.56
C LEU A 55 9.59 -23.75 -0.90
N SER A 56 9.46 -22.45 -1.14
CA SER A 56 9.15 -21.95 -2.48
C SER A 56 10.42 -21.94 -3.33
N ARG A 57 10.54 -22.98 -4.15
CA ARG A 57 11.73 -23.28 -4.95
C ARG A 57 13.06 -22.95 -4.27
N PRO A 58 13.56 -23.90 -3.47
CA PRO A 58 14.84 -23.76 -2.79
C PRO A 58 16.05 -23.78 -3.74
N PHE A 59 15.93 -24.47 -4.87
CA PHE A 59 17.09 -24.73 -5.75
C PHE A 59 17.11 -23.95 -7.06
N GLN A 60 16.58 -22.74 -7.07
CA GLN A 60 16.59 -21.95 -8.31
C GLN A 60 17.93 -21.25 -8.56
N ASN A 61 18.58 -20.83 -7.48
CA ASN A 61 19.94 -20.28 -7.53
C ASN A 61 20.71 -20.56 -6.22
N GLN A 62 21.90 -19.99 -6.10
CA GLN A 62 22.76 -20.22 -4.93
C GLN A 62 22.24 -19.50 -3.67
N THR A 63 21.63 -18.34 -3.84
CA THR A 63 21.07 -17.58 -2.72
C THR A 63 19.89 -18.34 -2.10
N HIS A 64 19.03 -18.89 -2.95
CA HIS A 64 17.87 -19.67 -2.51
C HIS A 64 18.31 -20.91 -1.74
N ALA A 65 19.26 -21.66 -2.31
CA ALA A 65 19.77 -22.88 -1.68
C ALA A 65 20.51 -22.59 -0.36
N LYS A 66 21.28 -21.49 -0.33
CA LYS A 66 21.95 -21.02 0.89
C LYS A 66 20.94 -20.79 2.01
N ARG A 67 19.93 -19.98 1.70
CA ARG A 67 18.91 -19.58 2.67
C ARG A 67 18.08 -20.76 3.17
N ALA A 68 17.74 -21.67 2.27
CA ALA A 68 16.97 -22.87 2.61
C ALA A 68 17.76 -23.76 3.56
N TYR A 69 19.05 -23.96 3.25
CA TYR A 69 19.94 -24.73 4.10
C TYR A 69 20.02 -24.11 5.49
N ARG A 70 20.18 -22.78 5.53
CA ARG A 70 20.30 -22.05 6.80
C ARG A 70 19.03 -22.19 7.66
N GLU A 71 17.86 -21.95 7.06
CA GLU A 71 16.58 -22.11 7.76
C GLU A 71 16.47 -23.48 8.43
N LEU A 72 16.76 -24.53 7.67
CA LEU A 72 16.63 -25.91 8.11
C LEU A 72 17.59 -26.27 9.24
N VAL A 73 18.86 -25.93 9.07
CA VAL A 73 19.89 -26.13 10.09
C VAL A 73 19.54 -25.41 11.39
N LEU A 74 19.20 -24.13 11.30
CA LEU A 74 18.87 -23.34 12.48
C LEU A 74 17.60 -23.84 13.18
N LEU A 75 16.54 -24.10 12.41
CA LEU A 75 15.30 -24.66 12.96
C LEU A 75 15.52 -25.94 13.74
N LYS A 76 16.47 -26.76 13.27
CA LYS A 76 16.81 -28.01 13.92
C LYS A 76 17.61 -27.79 15.21
N CYS A 77 18.63 -26.94 15.14
CA CYS A 77 19.57 -26.72 16.25
C CYS A 77 19.03 -25.84 17.38
N VAL A 78 18.20 -24.86 17.03
CA VAL A 78 17.68 -23.92 18.02
C VAL A 78 16.49 -24.54 18.77
N ASN A 79 16.53 -24.42 20.10
CA ASN A 79 15.44 -24.85 20.95
C ASN A 79 15.22 -23.82 22.07
N HIS A 80 14.24 -22.95 21.85
CA HIS A 80 13.90 -21.91 22.80
C HIS A 80 12.39 -21.70 22.73
N LYS A 81 11.79 -21.41 23.87
CA LYS A 81 10.33 -21.33 23.97
C LYS A 81 9.69 -20.21 23.15
N ASN A 82 10.48 -19.18 22.82
CA ASN A 82 10.01 -18.07 21.99
C ASN A 82 10.54 -18.11 20.54
N ILE A 83 11.02 -19.27 20.10
CA ILE A 83 11.35 -19.47 18.68
C ILE A 83 10.56 -20.67 18.17
N ILE A 84 9.96 -20.54 16.99
CA ILE A 84 9.09 -21.59 16.43
C ILE A 84 9.78 -22.97 16.42
N SER A 85 9.08 -23.99 16.91
CA SER A 85 9.59 -25.36 16.98
C SER A 85 9.26 -26.18 15.73
N LEU A 86 10.28 -26.88 15.22
CA LEU A 86 10.16 -27.76 14.08
C LEU A 86 9.76 -29.16 14.56
N LEU A 87 8.75 -29.75 13.93
CA LEU A 87 8.26 -31.06 14.37
C LEU A 87 8.73 -32.17 13.45
N ASN A 88 8.85 -31.85 12.17
CA ASN A 88 9.20 -32.83 11.15
C ASN A 88 9.67 -32.13 9.89
N VAL A 89 10.44 -32.83 9.08
CA VAL A 89 10.87 -32.37 7.76
C VAL A 89 10.84 -33.58 6.81
N PHE A 90 10.38 -33.35 5.58
CA PHE A 90 10.31 -34.44 4.62
C PHE A 90 10.40 -33.96 3.18
N THR A 91 10.70 -34.91 2.29
CA THR A 91 10.67 -34.71 0.84
C THR A 91 9.84 -35.82 0.19
N PRO A 92 8.97 -35.47 -0.77
CA PRO A 92 8.20 -36.49 -1.51
C PRO A 92 9.06 -37.34 -2.47
N GLN A 93 10.22 -36.82 -2.88
CA GLN A 93 11.13 -37.56 -3.74
C GLN A 93 11.94 -38.60 -2.98
N LYS A 94 12.35 -39.66 -3.68
CA LYS A 94 12.90 -40.86 -3.02
C LYS A 94 14.42 -41.01 -3.09
N THR A 95 15.05 -40.31 -4.03
CA THR A 95 16.51 -40.32 -4.16
C THR A 95 17.07 -38.92 -4.33
N LEU A 96 18.39 -38.81 -4.17
CA LEU A 96 19.12 -37.55 -4.36
C LEU A 96 19.02 -37.04 -5.81
N GLU A 97 18.96 -37.95 -6.77
CA GLU A 97 18.77 -37.56 -8.17
C GLU A 97 17.39 -36.94 -8.38
N GLU A 98 16.37 -37.56 -7.79
CA GLU A 98 15.00 -37.06 -7.82
C GLU A 98 14.79 -35.72 -7.10
N PHE A 99 15.55 -35.52 -6.02
CA PHE A 99 15.34 -34.45 -5.02
C PHE A 99 15.00 -33.05 -5.56
N GLN A 100 13.92 -32.48 -5.02
CA GLN A 100 13.38 -31.21 -5.49
C GLN A 100 12.69 -30.38 -4.41
N ASP A 101 11.75 -30.99 -3.68
CA ASP A 101 10.86 -30.24 -2.78
C ASP A 101 11.14 -30.49 -1.29
N VAL A 102 11.05 -29.43 -0.50
CA VAL A 102 11.24 -29.51 0.96
C VAL A 102 9.99 -29.02 1.70
N TYR A 103 9.47 -29.88 2.58
CA TYR A 103 8.34 -29.50 3.41
C TYR A 103 8.78 -29.48 4.85
N LEU A 104 8.49 -28.36 5.53
CA LEU A 104 8.79 -28.18 6.94
C LEU A 104 7.50 -28.22 7.75
N VAL A 105 7.47 -29.07 8.77
CA VAL A 105 6.31 -29.18 9.66
C VAL A 105 6.62 -28.53 11.02
N MET A 106 5.80 -27.57 11.42
CA MET A 106 6.01 -26.77 12.64
C MET A 106 4.77 -26.76 13.52
N GLU A 107 4.95 -26.37 14.78
CA GLU A 107 3.80 -26.17 15.67
C GLU A 107 2.87 -25.09 15.13
N LEU A 108 1.57 -25.35 15.22
CA LEU A 108 0.56 -24.39 14.77
C LEU A 108 0.18 -23.44 15.89
N MET A 109 0.23 -22.14 15.61
CA MET A 109 -0.16 -21.13 16.57
C MET A 109 -1.57 -20.66 16.23
N ASP A 110 -2.03 -19.61 16.91
CA ASP A 110 -3.40 -19.11 16.73
C ASP A 110 -3.51 -17.91 15.80
N ALA A 111 -2.44 -17.13 15.71
CA ALA A 111 -2.47 -15.93 14.88
C ALA A 111 -1.07 -15.40 14.62
N ASN A 112 -1.00 -14.59 13.57
CA ASN A 112 0.13 -13.71 13.34
C ASN A 112 -0.07 -12.45 14.18
N LEU A 113 1.02 -11.80 14.55
CA LEU A 113 0.96 -10.58 15.34
C LEU A 113 0.27 -9.42 14.58
N CYS A 114 0.33 -9.44 13.25
CA CYS A 114 -0.45 -8.51 12.42
C CYS A 114 -1.90 -8.51 12.82
N GLN A 115 -2.42 -9.70 13.12
CA GLN A 115 -3.82 -9.90 13.44
C GLN A 115 -4.19 -9.34 14.81
N VAL A 116 -3.27 -9.40 15.77
CA VAL A 116 -3.57 -9.02 17.15
C VAL A 116 -3.09 -7.60 17.49
N ILE A 117 -2.12 -7.11 16.72
CA ILE A 117 -1.72 -5.72 16.80
C ILE A 117 -2.98 -4.95 16.43
N HIS A 118 -3.18 -3.81 17.08
CA HIS A 118 -4.39 -2.99 16.88
C HIS A 118 -5.58 -3.43 17.74
N MET A 119 -5.49 -4.59 18.40
CA MET A 119 -6.50 -4.98 19.42
C MET A 119 -6.42 -4.04 20.61
N GLU A 120 -7.45 -4.08 21.47
CA GLU A 120 -7.44 -3.31 22.71
C GLU A 120 -6.80 -4.16 23.81
N LEU A 121 -5.51 -3.94 24.04
CA LEU A 121 -4.73 -4.77 24.96
C LEU A 121 -4.28 -4.00 26.19
N ASP A 122 -4.38 -4.65 27.35
CA ASP A 122 -3.93 -4.03 28.61
C ASP A 122 -2.40 -4.03 28.75
N HIS A 123 -1.89 -3.31 29.75
CA HIS A 123 -0.46 -3.21 30.05
C HIS A 123 0.20 -4.57 30.31
N GLU A 124 -0.57 -5.47 30.91
CA GLU A 124 -0.06 -6.79 31.30
C GLU A 124 0.22 -7.69 30.07
N ARG A 125 -0.70 -7.69 29.11
CA ARG A 125 -0.50 -8.46 27.87
C ARG A 125 0.56 -7.84 26.97
N MET A 126 0.56 -6.51 26.89
CA MET A 126 1.53 -5.79 26.07
C MET A 126 2.96 -6.03 26.53
N SER A 127 3.23 -5.86 27.83
CA SER A 127 4.56 -6.06 28.41
C SER A 127 5.00 -7.53 28.29
N TYR A 128 4.04 -8.44 28.40
CA TYR A 128 4.32 -9.87 28.30
C TYR A 128 4.73 -10.29 26.88
N LEU A 129 4.03 -9.75 25.88
CA LEU A 129 4.41 -9.97 24.48
C LEU A 129 5.80 -9.42 24.19
N LEU A 130 6.09 -8.21 24.69
CA LEU A 130 7.38 -7.55 24.48
C LEU A 130 8.51 -8.25 25.22
N TYR A 131 8.24 -8.77 26.43
CA TYR A 131 9.24 -9.57 27.17
C TYR A 131 9.63 -10.78 26.35
N GLN A 132 8.63 -11.54 25.90
CA GLN A 132 8.86 -12.71 25.06
C GLN A 132 9.67 -12.43 23.79
N MET A 133 9.34 -11.35 23.09
CA MET A 133 10.10 -10.93 21.88
C MET A 133 11.56 -10.72 22.22
N LEU A 134 11.79 -9.98 23.31
CA LEU A 134 13.14 -9.67 23.76
C LEU A 134 13.94 -10.91 24.09
N CYS A 135 13.30 -11.86 24.78
CA CYS A 135 13.91 -13.16 25.12
C CYS A 135 14.33 -13.97 23.89
N GLY A 136 13.47 -14.02 22.88
CA GLY A 136 13.79 -14.74 21.63
C GLY A 136 14.97 -14.08 20.94
N ILE A 137 14.93 -12.75 20.84
CA ILE A 137 16.00 -11.95 20.24
C ILE A 137 17.34 -12.16 20.96
N LYS A 138 17.31 -12.13 22.30
CA LYS A 138 18.51 -12.34 23.10
C LYS A 138 19.10 -13.73 22.87
N HIS A 139 18.23 -14.74 22.80
CA HIS A 139 18.69 -16.09 22.47
C HIS A 139 19.35 -16.15 21.08
N LEU A 140 18.77 -15.44 20.11
CA LEU A 140 19.39 -15.36 18.79
C LEU A 140 20.77 -14.71 18.87
N HIS A 141 20.84 -13.53 19.49
CA HIS A 141 22.10 -12.79 19.66
C HIS A 141 23.20 -13.64 20.32
N SER A 142 22.83 -14.41 21.33
CA SER A 142 23.80 -15.25 22.05
C SER A 142 24.29 -16.42 21.19
N ALA A 143 23.55 -16.76 20.14
CA ALA A 143 24.01 -17.75 19.17
C ALA A 143 24.72 -17.11 17.97
N GLY A 144 24.87 -15.78 18.00
CA GLY A 144 25.51 -15.04 16.91
C GLY A 144 24.59 -14.71 15.75
N ILE A 145 23.29 -14.68 16.02
CA ILE A 145 22.27 -14.42 15.02
C ILE A 145 21.60 -13.07 15.30
N ILE A 146 21.76 -12.15 14.36
CA ILE A 146 21.11 -10.86 14.42
C ILE A 146 20.10 -10.82 13.28
N HIS A 147 18.82 -10.71 13.65
CA HIS A 147 17.71 -10.87 12.70
C HIS A 147 17.70 -9.77 11.63
N ARG A 148 17.77 -8.51 12.04
CA ARG A 148 17.85 -7.37 11.12
C ARG A 148 16.61 -7.09 10.26
N ASP A 149 15.60 -7.95 10.30
CA ASP A 149 14.41 -7.72 9.50
C ASP A 149 13.10 -8.10 10.25
N LEU A 150 13.08 -7.88 11.56
CA LEU A 150 11.89 -8.18 12.35
C LEU A 150 10.73 -7.28 12.00
N LYS A 151 9.56 -7.89 11.91
CA LYS A 151 8.31 -7.18 11.67
C LYS A 151 7.16 -8.04 12.26
N PRO A 152 5.97 -7.45 12.43
CA PRO A 152 4.88 -8.23 13.00
C PRO A 152 4.54 -9.53 12.26
N SER A 153 4.72 -9.56 10.94
CA SER A 153 4.39 -10.73 10.11
C SER A 153 5.28 -11.96 10.34
N ASN A 154 6.47 -11.77 10.91
CA ASN A 154 7.26 -12.94 11.30
C ASN A 154 7.23 -13.29 12.79
N ILE A 155 6.19 -12.79 13.46
CA ILE A 155 5.92 -13.15 14.85
C ILE A 155 4.52 -13.77 14.94
N VAL A 156 4.42 -14.87 15.68
CA VAL A 156 3.13 -15.57 15.87
C VAL A 156 2.78 -15.72 17.35
N VAL A 157 1.49 -15.85 17.64
CA VAL A 157 0.98 -15.86 19.01
C VAL A 157 -0.10 -16.91 19.22
N LYS A 158 -0.24 -17.36 20.45
CA LYS A 158 -1.37 -18.15 20.89
C LYS A 158 -2.33 -17.25 21.66
N SER A 159 -3.57 -17.72 21.85
CA SER A 159 -4.57 -16.98 22.62
C SER A 159 -4.21 -16.76 24.10
N ASP A 160 -3.29 -17.57 24.63
CA ASP A 160 -2.77 -17.39 26.00
C ASP A 160 -1.63 -16.36 26.08
N CYS A 161 -1.37 -15.67 24.96
CA CYS A 161 -0.32 -14.66 24.85
C CYS A 161 1.11 -15.20 24.68
N THR A 162 1.26 -16.52 24.60
CA THR A 162 2.52 -17.11 24.20
C THR A 162 2.89 -16.54 22.83
N LEU A 163 4.17 -16.18 22.66
CA LEU A 163 4.67 -15.54 21.44
C LEU A 163 5.92 -16.28 20.95
N LYS A 164 6.03 -16.44 19.65
CA LYS A 164 7.23 -17.04 19.05
C LYS A 164 7.68 -16.27 17.81
N ILE A 165 9.00 -16.28 17.60
CA ILE A 165 9.59 -15.73 16.39
C ILE A 165 9.63 -16.85 15.35
N LEU A 166 9.21 -16.50 14.14
CA LEU A 166 9.01 -17.46 13.07
C LEU A 166 10.26 -17.82 12.27
N ASP A 167 11.21 -16.90 12.15
CA ASP A 167 12.36 -17.12 11.26
C ASP A 167 13.62 -16.43 11.77
N PHE A 168 14.71 -16.64 11.05
CA PHE A 168 16.02 -16.18 11.50
C PHE A 168 16.57 -14.96 10.75
N GLY A 169 15.73 -14.34 9.94
CA GLY A 169 16.09 -13.11 9.25
C GLY A 169 17.28 -13.25 8.34
N LEU A 170 18.12 -12.22 8.29
CA LEU A 170 19.24 -12.21 7.33
C LEU A 170 20.52 -12.80 7.90
N ALA A 171 21.23 -13.54 7.06
CA ALA A 171 22.57 -14.02 7.42
C ALA A 171 23.42 -12.84 7.84
N ARG A 172 24.32 -13.07 8.78
CA ARG A 172 25.20 -12.04 9.31
C ARG A 172 25.98 -11.27 8.23
N THR A 173 26.41 -11.98 7.19
CA THR A 173 27.24 -11.35 6.17
C THR A 173 26.46 -10.84 4.95
N ALA A 174 25.12 -10.85 5.04
CA ALA A 174 24.30 -10.31 3.95
C ALA A 174 24.40 -8.78 3.91
N SER A 175 24.41 -8.22 2.71
CA SER A 175 24.30 -6.77 2.49
C SER A 175 22.84 -6.40 2.32
N THR A 176 22.49 -5.16 2.66
CA THR A 176 21.15 -4.63 2.40
C THR A 176 21.19 -3.47 1.40
N ASN A 177 20.04 -3.15 0.82
CA ASN A 177 19.87 -1.97 -0.03
C ASN A 177 19.39 -0.75 0.75
N PHE A 178 20.09 0.38 0.64
CA PHE A 178 19.65 1.60 1.33
C PHE A 178 18.46 2.29 0.65
N MET A 179 18.00 3.38 1.27
CA MET A 179 16.75 4.06 0.89
C MET A 179 16.70 4.62 -0.53
N MET A 180 17.86 4.89 -1.12
CA MET A 180 17.93 5.47 -2.47
C MET A 180 17.67 4.44 -3.56
N THR A 181 17.80 3.16 -3.22
CA THR A 181 17.51 2.06 -4.14
C THR A 181 16.05 1.58 -3.94
N PRO A 182 15.25 1.58 -5.03
CA PRO A 182 13.81 1.33 -4.95
C PRO A 182 13.42 -0.06 -4.46
N TYR A 183 12.30 -0.12 -3.75
CA TYR A 183 11.62 -1.38 -3.50
C TYR A 183 10.12 -1.18 -3.66
N VAL A 184 9.42 -2.26 -3.99
CA VAL A 184 8.00 -2.20 -4.31
C VAL A 184 7.15 -2.26 -3.04
N VAL A 185 7.49 -3.20 -2.15
CA VAL A 185 6.70 -3.46 -0.97
C VAL A 185 6.87 -2.43 0.15
N THR A 186 6.17 -2.70 1.25
CA THR A 186 6.19 -1.90 2.44
C THR A 186 7.32 -2.38 3.37
N ARG A 187 8.04 -1.44 3.97
CA ARG A 187 9.08 -1.77 4.97
C ARG A 187 9.10 -0.84 6.20
N TYR A 188 8.00 -0.89 6.97
CA TYR A 188 7.72 0.09 8.02
C TYR A 188 8.60 -0.03 9.26
N TYR A 189 9.30 -1.16 9.38
CA TYR A 189 9.99 -1.56 10.60
C TYR A 189 11.52 -1.58 10.45
N ARG A 190 12.01 -1.31 9.23
CA ARG A 190 13.45 -1.26 8.95
C ARG A 190 14.19 -0.24 9.79
N ALA A 191 15.31 -0.65 10.39
CA ALA A 191 16.09 0.26 11.24
C ALA A 191 16.72 1.37 10.41
N PRO A 192 16.84 2.59 10.99
CA PRO A 192 17.49 3.73 10.34
C PRO A 192 18.86 3.41 9.75
N GLU A 193 19.70 2.67 10.49
CA GLU A 193 21.02 2.26 10.00
C GLU A 193 21.00 1.42 8.72
N VAL A 194 19.95 0.63 8.52
CA VAL A 194 19.75 -0.14 7.28
C VAL A 194 19.29 0.78 6.16
N ILE A 195 18.24 1.57 6.43
CA ILE A 195 17.75 2.65 5.56
C ILE A 195 18.87 3.59 5.06
N LEU A 196 19.79 3.95 5.97
CA LEU A 196 20.83 4.97 5.71
C LEU A 196 22.15 4.46 5.13
N GLY A 197 22.28 3.14 4.98
CA GLY A 197 23.47 2.53 4.39
C GLY A 197 24.63 2.33 5.37
N MET A 198 24.33 2.39 6.67
CA MET A 198 25.35 2.23 7.70
C MET A 198 25.65 0.75 7.94
N GLY A 199 26.58 0.48 8.85
CA GLY A 199 26.80 -0.86 9.39
C GLY A 199 25.74 -1.13 10.44
N TYR A 200 25.68 -2.35 10.94
CA TYR A 200 24.70 -2.70 11.96
C TYR A 200 25.39 -3.43 13.13
N LYS A 201 24.81 -3.29 14.31
CA LYS A 201 25.21 -4.08 15.47
C LYS A 201 23.95 -4.71 16.07
N GLU A 202 24.10 -5.40 17.19
CA GLU A 202 22.98 -6.14 17.81
C GLU A 202 21.68 -5.36 18.03
N ASN A 203 21.79 -4.10 18.43
CA ASN A 203 20.60 -3.28 18.72
C ASN A 203 19.83 -2.76 17.48
N VAL A 204 20.22 -3.22 16.28
CA VAL A 204 19.39 -3.04 15.08
C VAL A 204 17.99 -3.62 15.35
N ASP A 205 17.95 -4.71 16.09
CA ASP A 205 16.70 -5.40 16.42
C ASP A 205 15.85 -4.65 17.45
N ILE A 206 16.45 -3.71 18.19
CA ILE A 206 15.71 -2.95 19.19
C ILE A 206 14.80 -1.90 18.53
N TRP A 207 15.25 -1.33 17.42
CA TRP A 207 14.40 -0.40 16.67
C TRP A 207 13.10 -1.09 16.26
N SER A 208 13.21 -2.31 15.75
CA SER A 208 12.03 -3.08 15.31
C SER A 208 11.05 -3.26 16.48
N VAL A 209 11.57 -3.67 17.64
CA VAL A 209 10.74 -3.86 18.84
C VAL A 209 10.05 -2.55 19.26
N GLY A 210 10.78 -1.44 19.18
CA GLY A 210 10.21 -0.11 19.44
C GLY A 210 9.05 0.25 18.53
N CYS A 211 9.21 0.00 17.23
CA CYS A 211 8.14 0.19 16.24
C CYS A 211 6.94 -0.72 16.52
N ILE A 212 7.20 -1.95 16.94
CA ILE A 212 6.13 -2.90 17.27
C ILE A 212 5.41 -2.51 18.57
N MET A 213 6.17 -2.14 19.59
CA MET A 213 5.63 -1.62 20.85
C MET A 213 4.71 -0.43 20.63
N GLY A 214 5.19 0.54 19.84
CA GLY A 214 4.43 1.74 19.53
C GLY A 214 3.12 1.45 18.83
N GLU A 215 3.15 0.48 17.91
CA GLU A 215 1.97 0.08 17.16
C GLU A 215 0.95 -0.65 18.06
N LEU A 216 1.43 -1.53 18.93
CA LEU A 216 0.57 -2.18 19.93
C LEU A 216 -0.20 -1.17 20.78
N VAL A 217 0.49 -0.08 21.16
CA VAL A 217 -0.10 0.98 21.99
C VAL A 217 -1.07 1.86 21.19
N LYS A 218 -0.63 2.34 20.04
CA LYS A 218 -1.36 3.34 19.24
C LYS A 218 -2.44 2.75 18.35
N GLY A 219 -2.26 1.50 17.93
CA GLY A 219 -3.17 0.87 16.99
C GLY A 219 -2.97 1.34 15.56
N SER A 220 -1.79 1.91 15.27
CA SER A 220 -1.42 2.32 13.93
C SER A 220 0.10 2.28 13.73
N VAL A 221 0.51 2.03 12.50
CA VAL A 221 1.93 1.99 12.12
C VAL A 221 2.59 3.32 12.48
N ILE A 222 3.70 3.25 13.22
CA ILE A 222 4.40 4.43 13.74
C ILE A 222 5.09 5.25 12.64
N PHE A 223 5.86 4.57 11.79
CA PHE A 223 6.53 5.23 10.65
C PHE A 223 6.03 4.62 9.34
N GLN A 224 4.96 5.22 8.81
CA GLN A 224 4.25 4.67 7.66
C GLN A 224 4.60 5.45 6.40
N GLY A 225 5.76 5.15 5.83
CA GLY A 225 6.25 5.84 4.64
C GLY A 225 5.50 5.40 3.39
N THR A 226 5.27 6.34 2.47
CA THR A 226 4.59 6.07 1.20
C THR A 226 5.46 5.25 0.26
N ASP A 227 6.77 5.47 0.36
CA ASP A 227 7.76 4.70 -0.38
C ASP A 227 9.06 4.64 0.43
N HIS A 228 10.09 4.06 -0.16
CA HIS A 228 11.39 3.86 0.50
C HIS A 228 12.05 5.13 1.05
N ILE A 229 11.94 6.25 0.34
CA ILE A 229 12.52 7.52 0.79
C ILE A 229 11.65 8.22 1.83
N ASP A 230 10.34 8.23 1.61
CA ASP A 230 9.39 8.83 2.55
C ASP A 230 9.44 8.19 3.95
N GLN A 231 9.92 6.95 4.02
CA GLN A 231 10.17 6.27 5.29
C GLN A 231 11.05 7.11 6.23
N TRP A 232 12.11 7.71 5.68
CA TRP A 232 13.00 8.57 6.44
C TRP A 232 12.36 9.89 6.91
N ASN A 233 11.53 10.49 6.06
CA ASN A 233 10.80 11.71 6.42
C ASN A 233 9.83 11.47 7.59
N LYS A 234 9.18 10.31 7.59
CA LYS A 234 8.30 9.94 8.70
C LYS A 234 9.05 9.76 10.03
N VAL A 235 10.30 9.33 9.94
CA VAL A 235 11.17 9.14 11.12
C VAL A 235 11.57 10.49 11.71
N ILE A 236 12.03 11.40 10.85
CA ILE A 236 12.53 12.72 11.24
C ILE A 236 11.44 13.68 11.70
N GLU A 237 10.27 13.58 11.08
CA GLU A 237 9.12 14.43 11.43
C GLU A 237 8.72 14.26 12.90
N GLN A 238 8.86 13.04 13.43
CA GLN A 238 8.41 12.72 14.79
C GLN A 238 9.55 12.69 15.79
N LEU A 239 10.70 12.13 15.38
CA LEU A 239 11.85 12.01 16.28
C LEU A 239 12.80 13.19 16.20
N GLY A 240 12.72 13.95 15.10
CA GLY A 240 13.60 15.09 14.88
C GLY A 240 14.85 14.72 14.09
N THR A 241 15.36 15.70 13.34
CA THR A 241 16.64 15.58 12.64
C THR A 241 17.73 15.10 13.60
N PRO A 242 18.54 14.09 13.20
CA PRO A 242 19.61 13.66 14.08
C PRO A 242 20.79 14.65 14.00
N SER A 243 21.84 14.38 14.78
CA SER A 243 22.96 15.32 14.93
C SER A 243 23.77 15.48 13.66
N ALA A 244 24.43 16.63 13.53
CA ALA A 244 25.33 16.93 12.41
C ALA A 244 26.42 15.84 12.25
N GLU A 245 26.97 15.43 13.39
CA GLU A 245 28.00 14.38 13.50
C GLU A 245 27.52 13.05 12.89
N PHE A 246 26.35 12.60 13.33
CA PHE A 246 25.70 11.42 12.79
C PHE A 246 25.49 11.49 11.27
N MET A 247 24.96 12.62 10.78
CA MET A 247 24.66 12.77 9.36
C MET A 247 25.93 12.88 8.53
N ALA A 248 26.94 13.53 9.09
CA ALA A 248 28.23 13.74 8.41
C ALA A 248 28.96 12.43 8.13
N ALA A 249 28.68 11.39 8.92
CA ALA A 249 29.34 10.10 8.77
C ALA A 249 28.71 9.17 7.72
N LEU A 250 27.62 9.61 7.10
CA LEU A 250 26.93 8.83 6.05
C LEU A 250 27.62 8.87 4.68
N GLN A 251 27.36 7.84 3.88
CA GLN A 251 27.71 7.81 2.45
C GLN A 251 27.21 9.06 1.75
N PRO A 252 27.99 9.58 0.78
CA PRO A 252 27.64 10.81 0.07
C PRO A 252 26.21 10.86 -0.48
N THR A 253 25.77 9.82 -1.18
CA THR A 253 24.41 9.77 -1.74
C THR A 253 23.33 10.02 -0.67
N VAL A 254 23.49 9.33 0.46
CA VAL A 254 22.60 9.47 1.61
C VAL A 254 22.81 10.81 2.32
N ARG A 255 24.08 11.12 2.61
CA ARG A 255 24.49 12.30 3.37
C ARG A 255 23.93 13.57 2.76
N ASN A 256 24.06 13.71 1.44
CA ASN A 256 23.62 14.90 0.74
C ASN A 256 22.11 15.10 0.82
N TYR A 257 21.35 14.03 0.60
CA TYR A 257 19.90 14.07 0.73
C TYR A 257 19.45 14.45 2.14
N VAL A 258 19.96 13.70 3.12
CA VAL A 258 19.56 13.82 4.53
C VAL A 258 19.88 15.19 5.15
N GLU A 259 21.02 15.75 4.77
CA GLU A 259 21.46 17.06 5.29
C GLU A 259 20.70 18.24 4.65
N ASN A 260 20.19 18.05 3.45
CA ASN A 260 19.43 19.11 2.77
C ASN A 260 17.91 19.00 2.95
N ARG A 261 17.52 18.06 3.79
CA ARG A 261 16.14 17.91 4.24
C ARG A 261 15.82 19.07 5.19
N PRO A 262 14.53 19.50 5.22
CA PRO A 262 14.11 20.46 6.25
C PRO A 262 14.42 19.94 7.65
N ALA A 263 14.76 20.85 8.56
CA ALA A 263 15.07 20.49 9.95
C ALA A 263 13.80 20.33 10.78
N TYR A 264 13.77 19.27 11.59
CA TYR A 264 12.65 19.03 12.50
C TYR A 264 13.14 18.90 13.95
N PRO A 265 12.46 19.58 14.89
CA PRO A 265 12.85 19.52 16.30
C PRO A 265 12.52 18.18 16.96
N GLY A 266 11.54 17.47 16.42
CA GLY A 266 11.07 16.25 17.05
C GLY A 266 9.94 16.56 18.00
N ILE A 267 9.10 15.55 18.26
CA ILE A 267 7.94 15.70 19.12
C ILE A 267 8.24 14.99 20.44
N ALA A 268 7.93 15.66 21.56
CA ALA A 268 8.06 15.07 22.88
C ALA A 268 7.26 13.77 22.95
N PHE A 269 7.84 12.75 23.59
CA PHE A 269 7.18 11.45 23.71
C PHE A 269 5.85 11.48 24.49
N GLU A 270 5.65 12.51 25.33
CA GLU A 270 4.36 12.74 25.99
C GLU A 270 3.30 13.22 24.98
N GLU A 271 3.77 13.77 23.87
CA GLU A 271 2.87 14.23 22.83
C GLU A 271 2.68 13.12 21.79
N LEU A 272 3.77 12.43 21.46
CA LEU A 272 3.75 11.28 20.53
C LEU A 272 2.92 10.13 21.06
N PHE A 273 3.08 9.86 22.35
CA PHE A 273 2.36 8.78 23.02
C PHE A 273 1.67 9.33 24.26
N PRO A 274 0.53 10.03 24.06
CA PRO A 274 -0.14 10.69 25.19
C PRO A 274 -0.89 9.71 26.09
N ASP A 275 -1.19 10.14 27.31
CA ASP A 275 -1.81 9.29 28.33
C ASP A 275 -3.06 8.55 27.86
N TRP A 276 -3.92 9.23 27.11
CA TRP A 276 -5.22 8.67 26.72
C TRP A 276 -5.18 7.49 25.74
N ILE A 277 -4.05 7.26 25.07
CA ILE A 277 -3.90 6.08 24.18
C ILE A 277 -3.53 4.82 24.96
N PHE A 278 -3.01 4.99 26.17
CA PHE A 278 -2.64 3.88 27.02
C PHE A 278 -3.83 3.42 27.85
N PRO A 279 -3.80 2.14 28.32
CA PRO A 279 -4.84 1.63 29.22
C PRO A 279 -4.94 2.42 30.52
N SER A 282 -7.19 2.32 35.56
CA SER A 282 -7.00 2.42 37.01
C SER A 282 -5.92 3.45 37.37
N GLU A 283 -5.36 3.31 38.57
CA GLU A 283 -4.25 4.14 39.04
C GLU A 283 -2.93 3.37 38.94
N ARG A 284 -3.07 2.04 38.83
CA ARG A 284 -1.95 1.13 38.66
C ARG A 284 -1.38 1.28 37.24
N ASP A 285 -2.26 1.65 36.31
CA ASP A 285 -1.91 1.87 34.92
C ASP A 285 -1.08 3.14 34.73
N LYS A 286 -1.18 4.06 35.68
CA LYS A 286 -0.49 5.36 35.60
C LYS A 286 1.04 5.24 35.61
N ILE A 287 1.57 4.45 36.53
CA ILE A 287 3.01 4.22 36.57
C ILE A 287 3.47 3.39 35.37
N LYS A 288 2.69 2.38 35.00
CA LYS A 288 3.02 1.54 33.86
C LYS A 288 3.09 2.31 32.54
N THR A 289 2.12 3.20 32.34
CA THR A 289 2.11 4.13 31.20
C THR A 289 3.39 4.95 31.14
N SER A 290 3.73 5.57 32.26
CA SER A 290 4.97 6.31 32.39
C SER A 290 6.21 5.45 32.08
N GLN A 291 6.22 4.21 32.55
CA GLN A 291 7.33 3.27 32.26
C GLN A 291 7.39 2.87 30.77
N ALA A 292 6.24 2.55 30.20
CA ALA A 292 6.10 2.23 28.76
C ALA A 292 6.65 3.34 27.87
N ARG A 293 6.23 4.58 28.14
CA ARG A 293 6.69 5.73 27.38
C ARG A 293 8.20 5.91 27.51
N ASP A 294 8.71 5.63 28.70
CA ASP A 294 10.13 5.72 28.96
C ASP A 294 10.91 4.72 28.12
N LEU A 295 10.45 3.48 28.09
CA LEU A 295 11.07 2.44 27.24
C LEU A 295 11.02 2.82 25.74
N LEU A 296 9.87 3.29 25.29
CA LEU A 296 9.72 3.74 23.91
C LEU A 296 10.72 4.83 23.54
N SER A 297 10.88 5.81 24.43
CA SER A 297 11.84 6.89 24.25
C SER A 297 13.29 6.40 24.17
N LYS A 298 13.56 5.21 24.69
CA LYS A 298 14.90 4.61 24.65
C LYS A 298 15.15 3.64 23.48
N MET A 299 14.06 3.10 22.93
CA MET A 299 14.12 2.16 21.81
C MET A 299 14.05 2.92 20.48
N LEU A 300 13.15 3.89 20.42
CA LEU A 300 12.96 4.71 19.22
C LEU A 300 13.96 5.85 19.15
N VAL A 301 15.21 5.46 18.92
CA VAL A 301 16.34 6.38 18.87
C VAL A 301 17.07 6.12 17.56
N ILE A 302 17.22 7.15 16.75
CA ILE A 302 17.81 7.00 15.42
C ILE A 302 19.23 6.45 15.47
N ASP A 303 20.07 7.14 16.24
CA ASP A 303 21.49 6.81 16.34
C ASP A 303 21.67 5.57 17.21
N PRO A 304 22.16 4.46 16.61
CA PRO A 304 22.31 3.19 17.34
C PRO A 304 23.27 3.28 18.53
N ASP A 305 24.20 4.24 18.50
CA ASP A 305 25.12 4.47 19.62
C ASP A 305 24.38 4.91 20.88
N LYS A 306 23.23 5.55 20.71
CA LYS A 306 22.48 6.09 21.84
C LYS A 306 21.22 5.29 22.18
N ARG A 307 20.97 4.21 21.41
CA ARG A 307 19.80 3.36 21.57
C ARG A 307 20.07 2.26 22.60
N ILE A 308 19.06 1.97 23.41
CA ILE A 308 19.12 0.93 24.43
C ILE A 308 19.49 -0.43 23.83
N SER A 309 20.17 -1.27 24.61
CA SER A 309 20.50 -2.63 24.21
C SER A 309 19.40 -3.62 24.62
N VAL A 310 19.49 -4.85 24.12
CA VAL A 310 18.51 -5.88 24.46
C VAL A 310 18.58 -6.24 25.96
N ASP A 311 19.79 -6.47 26.46
CA ASP A 311 20.01 -6.70 27.89
C ASP A 311 19.38 -5.61 28.76
N GLU A 312 19.61 -4.36 28.40
CA GLU A 312 19.07 -3.23 29.15
C GLU A 312 17.54 -3.14 29.06
N ALA A 313 16.98 -3.46 27.88
CA ALA A 313 15.54 -3.45 27.69
C ALA A 313 14.88 -4.55 28.51
N LEU A 314 15.56 -5.68 28.63
CA LEU A 314 15.06 -6.79 29.45
C LEU A 314 15.00 -6.45 30.94
N ARG A 315 15.93 -5.62 31.41
CA ARG A 315 15.95 -5.19 32.82
C ARG A 315 15.05 -3.98 33.11
N HIS A 316 14.38 -3.45 32.08
CA HIS A 316 13.51 -2.29 32.26
C HIS A 316 12.32 -2.63 33.17
N PRO A 317 11.88 -1.67 34.04
CA PRO A 317 10.72 -1.92 34.89
C PRO A 317 9.50 -2.48 34.16
N TYR A 318 9.25 -1.98 32.95
CA TYR A 318 8.07 -2.37 32.17
C TYR A 318 8.11 -3.84 31.77
N ILE A 319 9.33 -4.33 31.52
CA ILE A 319 9.57 -5.65 30.96
C ILE A 319 9.94 -6.71 32.01
N THR A 320 10.83 -6.34 32.93
CA THR A 320 11.51 -7.34 33.78
C THR A 320 10.58 -8.04 34.78
N VAL A 321 9.37 -7.52 34.91
CA VAL A 321 8.35 -8.07 35.78
C VAL A 321 7.92 -9.51 35.35
N TRP A 322 8.26 -9.89 34.11
CA TRP A 322 7.98 -11.23 33.61
C TRP A 322 9.16 -12.17 33.74
N TYR A 323 10.24 -11.69 34.32
CA TYR A 323 11.44 -12.50 34.45
C TYR A 323 11.35 -13.45 35.65
N ASP A 324 11.52 -14.74 35.38
CA ASP A 324 11.54 -15.77 36.41
C ASP A 324 12.96 -16.28 36.64
N PRO A 325 13.60 -15.83 37.74
CA PRO A 325 14.98 -16.21 38.08
C PRO A 325 15.19 -17.71 38.30
N ALA A 326 14.12 -18.46 38.54
CA ALA A 326 14.23 -19.89 38.84
C ALA A 326 14.29 -20.81 37.61
N GLU A 327 13.66 -20.41 36.51
CA GLU A 327 13.61 -21.24 35.29
C GLU A 327 14.99 -21.38 34.64
N ALA A 328 15.26 -22.58 34.14
CA ALA A 328 16.54 -22.89 33.48
C ALA A 328 16.70 -22.16 32.15
N GLU A 329 17.89 -21.63 31.94
CA GLU A 329 18.26 -21.04 30.65
C GLU A 329 18.25 -22.11 29.56
N ALA A 330 17.78 -21.74 28.37
CA ALA A 330 17.87 -22.62 27.21
C ALA A 330 19.34 -22.67 26.76
N PRO A 331 19.92 -23.89 26.72
CA PRO A 331 21.31 -24.03 26.27
C PRO A 331 21.52 -23.53 24.84
N PRO A 332 22.68 -22.92 24.55
CA PRO A 332 22.99 -22.43 23.20
C PRO A 332 22.99 -23.57 22.16
N PRO A 333 22.54 -23.28 20.93
CA PRO A 333 22.44 -24.31 19.90
C PRO A 333 23.81 -24.86 19.48
N GLN A 334 23.82 -26.11 19.02
CA GLN A 334 25.05 -26.76 18.57
C GLN A 334 25.20 -26.59 17.06
N ILE A 335 25.84 -25.49 16.64
CA ILE A 335 26.03 -25.17 15.23
C ILE A 335 27.41 -25.61 14.75
N HIS A 345 29.59 -22.93 -2.76
CA HIS A 345 29.00 -24.21 -3.14
C HIS A 345 28.18 -24.11 -4.43
N ALA A 346 28.28 -25.14 -5.25
CA ALA A 346 27.43 -25.29 -6.44
C ALA A 346 26.04 -25.74 -5.99
N ILE A 347 25.00 -25.27 -6.69
CA ILE A 347 23.61 -25.59 -6.33
C ILE A 347 23.33 -27.08 -6.19
N GLU A 348 24.21 -27.92 -6.75
CA GLU A 348 24.06 -29.37 -6.68
C GLU A 348 24.80 -29.99 -5.49
N GLU A 349 25.79 -29.25 -4.97
CA GLU A 349 26.43 -29.60 -3.70
C GLU A 349 25.53 -29.20 -2.54
N TRP A 350 24.82 -28.08 -2.69
CA TRP A 350 23.80 -27.65 -1.73
C TRP A 350 22.73 -28.72 -1.59
N LYS A 351 22.26 -29.24 -2.74
CA LYS A 351 21.25 -30.29 -2.77
C LYS A 351 21.62 -31.48 -1.91
N GLU A 352 22.85 -31.95 -2.04
CA GLU A 352 23.33 -33.08 -1.23
C GLU A 352 23.42 -32.69 0.25
N LEU A 353 23.85 -31.47 0.52
CA LEU A 353 23.91 -30.95 1.89
C LEU A 353 22.51 -30.88 2.52
N ILE A 354 21.55 -30.36 1.75
CA ILE A 354 20.19 -30.22 2.22
C ILE A 354 19.47 -31.58 2.34
N TYR A 355 19.71 -32.47 1.38
CA TYR A 355 19.14 -33.82 1.40
C TYR A 355 19.50 -34.57 2.68
N LYS A 356 20.77 -34.50 3.09
CA LYS A 356 21.23 -35.15 4.31
C LYS A 356 20.55 -34.61 5.57
N GLU A 357 20.26 -33.30 5.57
CA GLU A 357 19.51 -32.67 6.66
C GLU A 357 18.05 -33.13 6.71
N VAL A 358 17.45 -33.31 5.53
CA VAL A 358 16.09 -33.86 5.41
C VAL A 358 16.04 -35.31 5.90
N MET A 359 17.01 -36.12 5.44
CA MET A 359 17.11 -37.52 5.85
C MET A 359 18.06 -37.66 7.03
N SER B 6 -21.81 42.52 -0.26
CA SER B 6 -22.78 41.40 -0.46
C SER B 6 -23.16 40.79 0.88
N GLN B 7 -24.35 40.19 0.96
CA GLN B 7 -24.80 39.53 2.18
C GLN B 7 -24.92 38.01 2.09
N PHE B 8 -24.63 37.39 3.23
CA PHE B 8 -24.56 35.95 3.37
C PHE B 8 -25.53 35.52 4.47
N TYR B 9 -25.73 34.20 4.56
CA TYR B 9 -26.47 33.60 5.66
C TYR B 9 -25.84 32.24 5.94
N SER B 10 -26.07 31.68 7.12
CA SER B 10 -25.47 30.42 7.50
C SER B 10 -26.49 29.30 7.65
N VAL B 11 -26.08 28.09 7.26
CA VAL B 11 -26.90 26.88 7.41
C VAL B 11 -26.05 25.68 7.77
N GLN B 12 -26.52 24.92 8.76
CA GLN B 12 -25.87 23.70 9.17
C GLN B 12 -26.29 22.59 8.21
N VAL B 13 -25.34 22.08 7.43
CA VAL B 13 -25.62 21.00 6.49
C VAL B 13 -24.71 19.82 6.77
N ALA B 14 -25.32 18.68 7.10
CA ALA B 14 -24.62 17.41 7.34
C ALA B 14 -23.30 17.57 8.11
N ASP B 15 -23.41 17.90 9.39
CA ASP B 15 -22.25 18.05 10.31
C ASP B 15 -21.31 19.21 9.97
N SER B 16 -21.77 20.12 9.10
CA SER B 16 -20.96 21.27 8.68
C SER B 16 -21.79 22.56 8.69
N THR B 17 -21.11 23.70 8.71
CA THR B 17 -21.78 25.00 8.66
C THR B 17 -21.41 25.73 7.36
N PHE B 18 -22.37 25.79 6.43
CA PHE B 18 -22.22 26.49 5.17
C PHE B 18 -22.65 27.94 5.31
N THR B 19 -21.74 28.87 5.00
CA THR B 19 -22.07 30.29 4.98
C THR B 19 -21.98 30.79 3.54
N VAL B 20 -23.15 31.04 2.93
CA VAL B 20 -23.20 31.31 1.49
C VAL B 20 -23.99 32.57 1.11
N LEU B 21 -23.73 33.08 -0.09
CA LEU B 21 -24.53 34.16 -0.66
C LEU B 21 -26.01 33.82 -0.56
N LYS B 22 -26.84 34.85 -0.34
CA LYS B 22 -28.28 34.65 -0.14
C LYS B 22 -28.99 34.12 -1.39
N ARG B 23 -28.34 34.27 -2.55
CA ARG B 23 -28.85 33.73 -3.81
C ARG B 23 -28.91 32.20 -3.86
N TYR B 24 -28.11 31.53 -3.03
CA TYR B 24 -28.11 30.05 -2.99
C TYR B 24 -28.92 29.52 -1.85
N GLN B 25 -30.04 28.89 -2.19
CA GLN B 25 -31.05 28.49 -1.21
C GLN B 25 -31.34 26.99 -1.19
N GLN B 26 -32.01 26.57 -0.11
CA GLN B 26 -32.35 25.16 0.17
C GLN B 26 -31.26 24.15 -0.21
N LEU B 27 -30.13 24.30 0.47
CA LEU B 27 -28.97 23.45 0.28
C LEU B 27 -29.22 22.00 0.73
N LYS B 28 -28.80 21.05 -0.09
CA LYS B 28 -28.87 19.63 0.25
C LYS B 28 -27.66 18.85 -0.27
N PRO B 29 -27.01 18.08 0.62
CA PRO B 29 -25.75 17.39 0.32
C PRO B 29 -25.83 16.36 -0.81
N ILE B 30 -24.81 16.36 -1.68
CA ILE B 30 -24.73 15.42 -2.80
C ILE B 30 -23.40 14.64 -2.86
N GLY B 31 -22.55 14.83 -1.84
CA GLY B 31 -21.27 14.13 -1.80
C GLY B 31 -20.26 14.64 -0.79
N SER B 32 -19.09 13.98 -0.79
CA SER B 32 -17.97 14.30 0.11
C SER B 32 -16.65 13.74 -0.44
N GLY B 36 -13.39 18.54 -0.14
CA GLY B 36 -14.56 19.40 -0.16
C GLY B 36 -15.88 18.69 0.09
N ILE B 37 -16.80 19.38 0.76
CA ILE B 37 -18.18 18.92 0.96
C ILE B 37 -19.08 19.64 -0.04
N VAL B 38 -20.01 18.90 -0.66
CA VAL B 38 -20.79 19.40 -1.80
C VAL B 38 -22.29 19.33 -1.55
N CYS B 39 -22.99 20.44 -1.82
CA CYS B 39 -24.45 20.49 -1.76
C CYS B 39 -25.06 20.87 -3.10
N ALA B 40 -26.27 20.40 -3.35
CA ALA B 40 -27.11 20.96 -4.39
C ALA B 40 -27.74 22.21 -3.78
N ALA B 41 -27.97 23.23 -4.60
CA ALA B 41 -28.58 24.47 -4.14
C ALA B 41 -29.36 25.10 -5.27
N PHE B 42 -30.50 25.69 -4.94
CA PHE B 42 -31.23 26.49 -5.90
C PHE B 42 -30.70 27.92 -5.96
N ASP B 43 -30.27 28.35 -7.15
CA ASP B 43 -29.77 29.70 -7.39
C ASP B 43 -30.92 30.60 -7.82
N THR B 44 -31.23 31.61 -7.01
CA THR B 44 -32.43 32.45 -7.23
C THR B 44 -32.18 33.63 -8.17
N VAL B 45 -30.94 33.79 -8.62
CA VAL B 45 -30.60 34.77 -9.65
C VAL B 45 -30.72 34.10 -11.03
N LEU B 46 -30.20 32.89 -11.15
CA LEU B 46 -30.23 32.13 -12.40
C LEU B 46 -31.51 31.29 -12.59
N GLY B 47 -32.19 30.95 -11.48
CA GLY B 47 -33.37 30.10 -11.52
C GLY B 47 -33.08 28.64 -11.81
N ILE B 48 -31.92 28.15 -11.38
CA ILE B 48 -31.51 26.77 -11.64
C ILE B 48 -30.89 26.14 -10.40
N ASN B 49 -30.82 24.82 -10.37
CA ASN B 49 -30.05 24.15 -9.33
C ASN B 49 -28.53 24.13 -9.70
N VAL B 50 -27.70 24.38 -8.70
CA VAL B 50 -26.25 24.35 -8.84
C VAL B 50 -25.62 23.46 -7.77
N ALA B 51 -24.33 23.16 -7.94
CA ALA B 51 -23.55 22.44 -6.94
C ALA B 51 -22.66 23.44 -6.20
N VAL B 52 -22.70 23.39 -4.88
CA VAL B 52 -21.91 24.30 -4.04
C VAL B 52 -20.89 23.48 -3.25
N LYS B 53 -19.60 23.71 -3.54
CA LYS B 53 -18.52 23.00 -2.88
C LYS B 53 -17.78 23.91 -1.89
N LYS B 54 -17.77 23.50 -0.63
CA LYS B 54 -16.97 24.18 0.38
C LYS B 54 -15.65 23.45 0.56
N LEU B 55 -14.55 24.12 0.22
CA LEU B 55 -13.23 23.50 0.28
C LEU B 55 -12.86 23.12 1.71
N SER B 56 -12.27 21.93 1.85
CA SER B 56 -11.93 21.37 3.15
C SER B 56 -10.61 21.95 3.65
N ARG B 57 -10.72 22.82 4.67
CA ARG B 57 -9.59 23.54 5.27
C ARG B 57 -8.40 23.72 4.31
N PRO B 58 -8.55 24.64 3.33
CA PRO B 58 -7.60 24.78 2.20
C PRO B 58 -6.16 25.13 2.56
N PHE B 59 -5.92 25.77 3.71
CA PHE B 59 -4.53 26.14 4.06
C PHE B 59 -3.98 25.52 5.36
N GLN B 60 -4.35 24.26 5.60
CA GLN B 60 -3.89 23.56 6.80
C GLN B 60 -2.41 23.15 6.72
N ASN B 61 -1.85 23.11 5.50
CA ASN B 61 -0.45 22.74 5.29
C ASN B 61 0.12 23.18 3.93
N GLN B 62 1.07 22.40 3.40
CA GLN B 62 1.67 22.68 2.10
C GLN B 62 0.87 22.06 0.96
N THR B 63 0.40 20.83 1.18
CA THR B 63 -0.36 20.08 0.18
C THR B 63 -1.67 20.80 -0.16
N HIS B 64 -2.53 20.96 0.84
CA HIS B 64 -3.87 21.53 0.69
C HIS B 64 -3.90 22.85 -0.10
N ALA B 65 -3.06 23.79 0.30
CA ALA B 65 -3.01 25.12 -0.32
C ALA B 65 -2.54 25.05 -1.77
N LYS B 66 -1.57 24.16 -2.03
CA LYS B 66 -1.05 23.90 -3.37
C LYS B 66 -2.16 23.36 -4.28
N ARG B 67 -2.90 22.37 -3.78
CA ARG B 67 -4.00 21.72 -4.51
C ARG B 67 -5.16 22.67 -4.80
N ALA B 68 -5.57 23.41 -3.78
CA ALA B 68 -6.72 24.30 -3.87
C ALA B 68 -6.47 25.51 -4.78
N TYR B 69 -5.23 26.00 -4.81
CA TYR B 69 -4.87 27.09 -5.71
C TYR B 69 -4.91 26.59 -7.16
N ARG B 70 -4.45 25.36 -7.36
CA ARG B 70 -4.42 24.75 -8.68
C ARG B 70 -5.85 24.53 -9.22
N GLU B 71 -6.68 23.90 -8.39
CA GLU B 71 -8.08 23.64 -8.72
C GLU B 71 -8.80 24.90 -9.16
N LEU B 72 -8.58 25.99 -8.41
CA LEU B 72 -9.25 27.25 -8.65
C LEU B 72 -8.76 27.96 -9.91
N VAL B 73 -7.45 27.99 -10.11
CA VAL B 73 -6.87 28.59 -11.31
C VAL B 73 -7.30 27.84 -12.58
N LEU B 74 -7.30 26.51 -12.51
CA LEU B 74 -7.66 25.69 -13.67
C LEU B 74 -9.15 25.78 -14.02
N LEU B 75 -10.02 25.73 -13.01
CA LEU B 75 -11.47 25.87 -13.23
C LEU B 75 -11.86 27.20 -13.88
N LYS B 76 -11.08 28.23 -13.59
CA LYS B 76 -11.32 29.56 -14.14
C LYS B 76 -10.84 29.71 -15.58
N CYS B 77 -9.74 29.03 -15.93
CA CYS B 77 -9.14 29.17 -17.27
C CYS B 77 -9.64 28.13 -18.30
N VAL B 78 -10.00 26.94 -17.83
CA VAL B 78 -10.40 25.85 -18.72
C VAL B 78 -11.85 25.96 -19.15
N ASN B 79 -12.09 25.89 -20.46
CA ASN B 79 -13.43 25.89 -21.03
C ASN B 79 -13.58 24.79 -22.10
N HIS B 80 -13.92 23.60 -21.64
CA HIS B 80 -14.17 22.47 -22.53
C HIS B 80 -15.48 21.81 -22.13
N LYS B 81 -16.23 21.35 -23.13
CA LYS B 81 -17.54 20.75 -22.92
C LYS B 81 -17.53 19.49 -22.04
N ASN B 82 -16.37 18.85 -21.94
CA ASN B 82 -16.23 17.62 -21.15
C ASN B 82 -15.44 17.79 -19.84
N ILE B 83 -15.34 19.03 -19.37
CA ILE B 83 -14.73 19.36 -18.08
C ILE B 83 -15.76 20.23 -17.34
N ILE B 84 -15.97 19.94 -16.05
CA ILE B 84 -16.99 20.65 -15.24
C ILE B 84 -16.84 22.18 -15.28
N SER B 85 -17.96 22.89 -15.43
CA SER B 85 -17.97 24.36 -15.49
C SER B 85 -18.09 24.98 -14.11
N LEU B 86 -17.19 25.92 -13.82
CA LEU B 86 -17.31 26.81 -12.66
C LEU B 86 -18.25 27.97 -12.96
N LEU B 87 -19.25 28.16 -12.12
CA LEU B 87 -20.22 29.25 -12.29
C LEU B 87 -19.92 30.50 -11.45
N ASN B 88 -19.38 30.27 -10.25
CA ASN B 88 -19.13 31.35 -9.31
C ASN B 88 -18.12 30.88 -8.27
N VAL B 89 -17.43 31.84 -7.68
CA VAL B 89 -16.53 31.57 -6.55
C VAL B 89 -16.65 32.75 -5.58
N PHE B 90 -16.79 32.44 -4.29
CA PHE B 90 -16.88 33.48 -3.26
C PHE B 90 -16.27 33.05 -1.93
N THR B 91 -16.06 34.03 -1.05
CA THR B 91 -15.72 33.80 0.35
C THR B 91 -16.61 34.67 1.24
N PRO B 92 -17.04 34.14 2.40
CA PRO B 92 -17.80 34.99 3.33
C PRO B 92 -16.93 35.99 4.13
N GLN B 93 -15.60 35.83 4.04
CA GLN B 93 -14.66 36.72 4.71
C GLN B 93 -14.38 37.98 3.88
N LYS B 94 -14.02 39.07 4.58
CA LYS B 94 -13.93 40.41 3.97
C LYS B 94 -12.50 40.97 3.90
N THR B 95 -11.56 40.29 4.54
CA THR B 95 -10.15 40.69 4.50
C THR B 95 -9.28 39.45 4.37
N LEU B 96 -8.09 39.64 3.84
CA LEU B 96 -7.09 38.58 3.79
C LEU B 96 -6.73 38.06 5.19
N GLU B 97 -6.79 38.96 6.18
CA GLU B 97 -6.44 38.63 7.56
C GLU B 97 -7.39 37.64 8.25
N GLU B 98 -8.70 37.76 7.99
CA GLU B 98 -9.68 36.83 8.58
C GLU B 98 -10.06 35.68 7.63
N PHE B 99 -9.48 35.71 6.42
CA PHE B 99 -9.82 34.77 5.33
C PHE B 99 -9.64 33.30 5.70
N GLN B 100 -10.73 32.54 5.64
CA GLN B 100 -10.72 31.12 6.04
C GLN B 100 -11.29 30.13 5.01
N ASP B 101 -12.42 30.49 4.40
CA ASP B 101 -13.18 29.53 3.58
C ASP B 101 -13.35 29.94 2.13
N VAL B 102 -13.28 28.94 1.25
CA VAL B 102 -13.52 29.12 -0.19
C VAL B 102 -14.71 28.26 -0.66
N TYR B 103 -15.63 28.88 -1.39
CA TYR B 103 -16.79 28.19 -1.95
C TYR B 103 -16.74 28.21 -3.47
N LEU B 104 -16.89 27.03 -4.08
CA LEU B 104 -16.92 26.90 -5.53
C LEU B 104 -18.34 26.57 -5.94
N VAL B 105 -18.86 27.32 -6.90
CA VAL B 105 -20.19 27.05 -7.42
C VAL B 105 -20.04 26.51 -8.84
N MET B 106 -20.50 25.28 -9.03
CA MET B 106 -20.36 24.57 -10.30
C MET B 106 -21.70 24.10 -10.84
N GLU B 107 -21.73 23.78 -12.12
CA GLU B 107 -22.94 23.24 -12.74
C GLU B 107 -23.33 21.92 -12.07
N LEU B 108 -24.63 21.74 -11.86
CA LEU B 108 -25.12 20.51 -11.25
C LEU B 108 -25.45 19.44 -12.31
N MET B 109 -24.88 18.25 -12.14
CA MET B 109 -25.16 17.11 -13.02
C MET B 109 -26.18 16.16 -12.37
N ASP B 110 -26.50 15.06 -13.07
CA ASP B 110 -27.55 14.12 -12.63
C ASP B 110 -27.01 12.93 -11.83
N ALA B 111 -25.75 12.56 -12.08
CA ALA B 111 -25.15 11.36 -11.49
C ALA B 111 -23.66 11.24 -11.77
N ASN B 112 -22.96 10.45 -10.97
CA ASN B 112 -21.60 10.07 -11.33
C ASN B 112 -21.58 8.68 -11.96
N LEU B 113 -20.42 8.31 -12.49
CA LEU B 113 -20.28 7.08 -13.27
C LEU B 113 -20.50 5.79 -12.49
N CYS B 114 -20.31 5.82 -11.18
CA CYS B 114 -20.58 4.64 -10.33
C CYS B 114 -22.03 4.21 -10.48
N GLN B 115 -22.90 5.19 -10.69
CA GLN B 115 -24.34 4.97 -10.78
C GLN B 115 -24.70 4.40 -12.16
N VAL B 116 -23.97 4.81 -13.21
CA VAL B 116 -24.25 4.31 -14.56
C VAL B 116 -23.69 2.90 -14.80
N ILE B 117 -22.70 2.50 -13.98
CA ILE B 117 -22.13 1.16 -14.02
C ILE B 117 -23.22 0.12 -13.73
N HIS B 118 -24.18 0.49 -12.89
CA HIS B 118 -25.28 -0.39 -12.50
C HIS B 118 -26.39 -0.54 -13.55
N MET B 119 -26.28 0.16 -14.68
CA MET B 119 -27.31 0.01 -15.72
C MET B 119 -26.90 -0.81 -16.94
N GLU B 120 -27.87 -1.02 -17.82
CA GLU B 120 -27.68 -1.81 -19.03
C GLU B 120 -27.64 -0.88 -20.22
N LEU B 121 -26.45 -0.41 -20.54
CA LEU B 121 -26.24 0.53 -21.65
C LEU B 121 -26.00 -0.20 -22.96
N ASP B 122 -26.52 0.36 -24.04
CA ASP B 122 -26.23 -0.16 -25.37
C ASP B 122 -24.88 0.38 -25.88
N HIS B 123 -24.40 -0.14 -27.01
CA HIS B 123 -23.11 0.29 -27.58
C HIS B 123 -23.04 1.78 -27.90
N GLU B 124 -24.15 2.32 -28.41
CA GLU B 124 -24.21 3.72 -28.76
C GLU B 124 -23.86 4.59 -27.55
N ARG B 125 -24.50 4.31 -26.42
CA ARG B 125 -24.26 5.07 -25.19
C ARG B 125 -22.89 4.83 -24.57
N MET B 126 -22.45 3.57 -24.49
CA MET B 126 -21.12 3.26 -23.95
C MET B 126 -20.04 3.97 -24.75
N SER B 127 -20.12 3.90 -26.08
CA SER B 127 -19.10 4.48 -26.94
C SER B 127 -19.10 6.00 -26.88
N TYR B 128 -20.29 6.58 -26.74
CA TYR B 128 -20.41 8.03 -26.63
C TYR B 128 -19.83 8.56 -25.30
N LEU B 129 -20.07 7.84 -24.22
CA LEU B 129 -19.47 8.15 -22.92
C LEU B 129 -17.94 8.09 -23.02
N LEU B 130 -17.43 7.02 -23.62
CA LEU B 130 -15.99 6.83 -23.76
C LEU B 130 -15.34 7.88 -24.65
N TYR B 131 -16.03 8.23 -25.73
CA TYR B 131 -15.57 9.31 -26.62
C TYR B 131 -15.37 10.63 -25.87
N GLN B 132 -16.39 11.00 -25.09
CA GLN B 132 -16.36 12.19 -24.24
C GLN B 132 -15.23 12.19 -23.19
N MET B 133 -15.06 11.06 -22.48
CA MET B 133 -13.92 10.88 -21.57
C MET B 133 -12.59 11.21 -22.23
N LEU B 134 -12.36 10.57 -23.38
CA LEU B 134 -11.13 10.78 -24.15
C LEU B 134 -10.97 12.20 -24.65
N CYS B 135 -12.08 12.85 -25.01
CA CYS B 135 -12.04 14.26 -25.42
C CYS B 135 -11.61 15.15 -24.25
N GLY B 136 -12.22 14.96 -23.07
CA GLY B 136 -11.82 15.68 -21.87
C GLY B 136 -10.35 15.48 -21.56
N ILE B 137 -9.91 14.22 -21.57
CA ILE B 137 -8.51 13.87 -21.29
C ILE B 137 -7.54 14.49 -22.30
N LYS B 138 -7.87 14.41 -23.58
CA LYS B 138 -7.07 15.08 -24.64
C LYS B 138 -6.88 16.57 -24.37
N HIS B 139 -7.95 17.26 -23.99
CA HIS B 139 -7.88 18.69 -23.69
C HIS B 139 -6.96 18.97 -22.50
N LEU B 140 -7.07 18.14 -21.46
CA LEU B 140 -6.17 18.20 -20.30
C LEU B 140 -4.71 17.97 -20.72
N HIS B 141 -4.48 16.95 -21.55
CA HIS B 141 -3.12 16.66 -22.02
C HIS B 141 -2.50 17.78 -22.85
N SER B 142 -3.31 18.42 -23.69
CA SER B 142 -2.85 19.54 -24.52
C SER B 142 -2.47 20.77 -23.69
N ALA B 143 -3.02 20.86 -22.47
CA ALA B 143 -2.67 21.93 -21.54
C ALA B 143 -1.56 21.55 -20.55
N GLY B 144 -0.95 20.37 -20.75
CA GLY B 144 0.16 19.93 -19.92
C GLY B 144 -0.25 19.21 -18.65
N ILE B 145 -1.53 18.89 -18.55
CA ILE B 145 -2.08 18.26 -17.35
C ILE B 145 -2.27 16.77 -17.57
N ILE B 146 -1.54 15.98 -16.80
CA ILE B 146 -1.69 14.53 -16.78
C ILE B 146 -2.39 14.17 -15.48
N HIS B 147 -3.57 13.58 -15.59
CA HIS B 147 -4.51 13.47 -14.48
C HIS B 147 -4.09 12.48 -13.38
N ARG B 148 -3.87 11.23 -13.77
CA ARG B 148 -3.41 10.16 -12.86
C ARG B 148 -4.41 9.63 -11.82
N ASP B 149 -5.53 10.30 -11.63
CA ASP B 149 -6.50 9.84 -10.62
C ASP B 149 -7.92 9.71 -11.16
N LEU B 150 -8.03 9.31 -12.43
CA LEU B 150 -9.34 9.10 -13.02
C LEU B 150 -9.99 7.85 -12.47
N LYS B 151 -11.25 8.01 -12.07
CA LYS B 151 -12.06 6.91 -11.55
C LYS B 151 -13.54 7.24 -11.75
N PRO B 152 -14.42 6.21 -11.67
CA PRO B 152 -15.85 6.42 -11.85
C PRO B 152 -16.44 7.61 -11.05
N SER B 153 -15.96 7.79 -9.82
CA SER B 153 -16.55 8.77 -8.89
C SER B 153 -16.20 10.22 -9.17
N ASN B 154 -15.10 10.48 -9.89
CA ASN B 154 -14.83 11.85 -10.33
C ASN B 154 -15.14 12.12 -11.81
N ILE B 155 -16.14 11.39 -12.33
CA ILE B 155 -16.69 11.64 -13.65
C ILE B 155 -18.21 11.70 -13.53
N VAL B 156 -18.82 12.77 -14.04
CA VAL B 156 -20.26 12.97 -13.89
C VAL B 156 -21.00 13.02 -15.22
N VAL B 157 -22.28 12.63 -15.18
CA VAL B 157 -23.13 12.59 -16.37
C VAL B 157 -24.48 13.28 -16.20
N LYS B 158 -25.04 13.72 -17.32
CA LYS B 158 -26.43 14.12 -17.42
C LYS B 158 -27.25 12.98 -18.06
N SER B 159 -28.57 13.04 -17.89
CA SER B 159 -29.45 12.00 -18.42
C SER B 159 -29.48 11.93 -19.96
N ASP B 160 -29.07 12.99 -20.64
CA ASP B 160 -28.91 12.96 -22.09
C ASP B 160 -27.53 12.43 -22.52
N CYS B 161 -26.81 11.82 -21.56
CA CYS B 161 -25.53 11.13 -21.81
C CYS B 161 -24.31 12.07 -21.97
N THR B 162 -24.48 13.35 -21.64
CA THR B 162 -23.37 14.30 -21.54
C THR B 162 -22.44 13.87 -20.40
N LEU B 163 -21.13 13.95 -20.62
CA LEU B 163 -20.14 13.56 -19.61
C LEU B 163 -19.09 14.64 -19.38
N LYS B 164 -18.77 14.88 -18.11
CA LYS B 164 -17.73 15.84 -17.72
C LYS B 164 -16.82 15.25 -16.65
N ILE B 165 -15.55 15.66 -16.71
CA ILE B 165 -14.55 15.29 -15.71
C ILE B 165 -14.59 16.33 -14.60
N LEU B 166 -14.54 15.87 -13.35
CA LEU B 166 -14.79 16.70 -12.18
C LEU B 166 -13.58 17.48 -11.68
N ASP B 167 -12.40 16.86 -11.73
CA ASP B 167 -11.20 17.43 -11.15
C ASP B 167 -10.02 17.35 -12.10
N PHE B 168 -8.90 17.94 -11.71
CA PHE B 168 -7.71 17.99 -12.55
C PHE B 168 -6.58 17.07 -12.10
N GLY B 169 -6.90 16.12 -11.24
CA GLY B 169 -5.92 15.17 -10.73
C GLY B 169 -5.23 15.63 -9.44
N THR B 186 -9.63 4.17 -5.02
CA THR B 186 -8.70 4.85 -5.93
C THR B 186 -7.65 3.88 -6.52
N ARG B 187 -7.18 2.98 -5.66
CA ARG B 187 -6.23 1.91 -5.97
C ARG B 187 -6.56 1.05 -7.21
N TYR B 188 -7.85 0.82 -7.44
CA TYR B 188 -8.32 -0.10 -8.50
C TYR B 188 -8.00 0.37 -9.92
N TYR B 189 -7.70 1.67 -10.06
CA TYR B 189 -7.57 2.32 -11.36
C TYR B 189 -6.14 2.83 -11.65
N ARG B 190 -5.21 2.47 -10.78
CA ARG B 190 -3.83 2.90 -10.88
C ARG B 190 -3.05 2.03 -11.87
N ALA B 191 -2.42 2.67 -12.84
CA ALA B 191 -1.60 2.01 -13.85
C ALA B 191 -0.46 1.19 -13.25
N PRO B 192 -0.08 0.07 -13.91
CA PRO B 192 1.06 -0.73 -13.48
C PRO B 192 2.31 0.08 -13.15
N GLU B 193 2.65 1.06 -14.00
CA GLU B 193 3.83 1.89 -13.77
C GLU B 193 3.77 2.70 -12.48
N VAL B 194 2.57 3.09 -12.06
CA VAL B 194 2.37 3.80 -10.81
C VAL B 194 2.53 2.82 -9.64
N ILE B 195 1.95 1.63 -9.76
CA ILE B 195 2.06 0.58 -8.75
C ILE B 195 3.52 0.23 -8.46
N LEU B 196 4.34 0.15 -9.50
CA LEU B 196 5.74 -0.25 -9.39
C LEU B 196 6.69 0.93 -9.17
N GLY B 197 6.13 2.13 -9.04
CA GLY B 197 6.90 3.33 -8.75
C GLY B 197 7.79 3.79 -9.89
N MET B 198 7.41 3.44 -11.11
CA MET B 198 8.10 3.93 -12.30
C MET B 198 7.63 5.36 -12.56
N GLY B 199 8.25 6.02 -13.53
CA GLY B 199 7.71 7.26 -14.07
C GLY B 199 6.49 6.94 -14.93
N TYR B 200 5.89 7.97 -15.49
CA TYR B 200 4.71 7.79 -16.33
C TYR B 200 4.59 8.91 -17.32
N LYS B 201 3.85 8.65 -18.40
CA LYS B 201 3.55 9.64 -19.42
C LYS B 201 2.03 9.78 -19.61
N GLU B 202 1.62 10.49 -20.66
CA GLU B 202 0.20 10.77 -20.94
C GLU B 202 -0.66 9.52 -20.85
N ASN B 203 -0.18 8.41 -21.41
CA ASN B 203 -1.00 7.21 -21.51
C ASN B 203 -1.20 6.46 -20.18
N VAL B 204 -0.75 7.06 -19.08
CA VAL B 204 -1.11 6.58 -17.75
C VAL B 204 -2.63 6.67 -17.57
N ASP B 205 -3.22 7.73 -18.15
CA ASP B 205 -4.66 7.97 -18.09
C ASP B 205 -5.46 7.00 -18.95
N ILE B 206 -4.83 6.43 -19.97
CA ILE B 206 -5.44 5.39 -20.81
C ILE B 206 -5.70 4.08 -20.04
N TRP B 207 -4.75 3.69 -19.18
CA TRP B 207 -4.98 2.54 -18.30
C TRP B 207 -6.30 2.73 -17.53
N SER B 208 -6.44 3.87 -16.87
CA SER B 208 -7.63 4.20 -16.07
C SER B 208 -8.91 4.15 -16.92
N VAL B 209 -8.86 4.72 -18.13
CA VAL B 209 -9.99 4.64 -19.07
C VAL B 209 -10.33 3.19 -19.39
N GLY B 210 -9.30 2.37 -19.65
CA GLY B 210 -9.50 0.92 -19.84
C GLY B 210 -10.19 0.23 -18.67
N CYS B 211 -9.82 0.63 -17.45
CA CYS B 211 -10.39 0.06 -16.23
C CYS B 211 -11.85 0.45 -16.06
N ILE B 212 -12.15 1.71 -16.33
CA ILE B 212 -13.51 2.24 -16.29
C ILE B 212 -14.36 1.61 -17.41
N MET B 213 -13.82 1.55 -18.63
CA MET B 213 -14.49 0.87 -19.74
C MET B 213 -14.85 -0.58 -19.41
N GLY B 214 -13.87 -1.35 -18.91
CA GLY B 214 -14.11 -2.73 -18.50
C GLY B 214 -15.23 -2.85 -17.48
N GLU B 215 -15.22 -1.98 -16.48
CA GLU B 215 -16.22 -1.97 -15.42
C GLU B 215 -17.64 -1.59 -15.92
N LEU B 216 -17.72 -0.63 -16.85
CA LEU B 216 -19.01 -0.28 -17.47
C LEU B 216 -19.65 -1.46 -18.15
N VAL B 217 -18.83 -2.25 -18.85
CA VAL B 217 -19.22 -3.44 -19.59
C VAL B 217 -19.53 -4.62 -18.65
N LYS B 218 -18.69 -4.82 -17.64
CA LYS B 218 -18.73 -5.97 -16.76
C LYS B 218 -19.67 -5.82 -15.57
N GLY B 219 -19.81 -4.59 -15.07
CA GLY B 219 -20.61 -4.32 -13.89
C GLY B 219 -19.84 -4.49 -12.58
N SER B 220 -18.59 -4.91 -12.67
CA SER B 220 -17.71 -5.02 -11.50
C SER B 220 -16.30 -4.49 -11.79
N VAL B 221 -15.58 -4.13 -10.73
CA VAL B 221 -14.19 -3.69 -10.81
C VAL B 221 -13.30 -4.77 -11.46
N ILE B 222 -12.51 -4.37 -12.44
CA ILE B 222 -11.64 -5.30 -13.16
C ILE B 222 -10.50 -5.83 -12.28
N PHE B 223 -9.78 -4.91 -11.64
CA PHE B 223 -8.62 -5.28 -10.80
C PHE B 223 -8.88 -4.84 -9.37
N GLN B 224 -9.43 -5.76 -8.58
CA GLN B 224 -9.84 -5.45 -7.22
C GLN B 224 -8.83 -5.98 -6.19
N GLY B 225 -7.79 -5.20 -5.93
CA GLY B 225 -6.74 -5.62 -5.01
C GLY B 225 -7.06 -5.22 -3.58
N THR B 226 -6.68 -6.08 -2.63
CA THR B 226 -6.90 -5.84 -1.19
C THR B 226 -5.99 -4.74 -0.65
N ASP B 227 -4.84 -4.58 -1.31
CA ASP B 227 -3.89 -3.52 -0.99
C ASP B 227 -3.14 -3.11 -2.26
N HIS B 228 -2.28 -2.10 -2.13
CA HIS B 228 -1.57 -1.51 -3.28
C HIS B 228 -0.61 -2.49 -3.95
N ILE B 229 -0.16 -3.48 -3.18
CA ILE B 229 0.76 -4.51 -3.65
C ILE B 229 -0.03 -5.68 -4.25
N ASP B 230 -1.18 -5.99 -3.65
CA ASP B 230 -2.11 -7.01 -4.16
C ASP B 230 -2.72 -6.58 -5.50
N GLN B 231 -2.69 -5.28 -5.77
CA GLN B 231 -3.10 -4.72 -7.04
C GLN B 231 -2.30 -5.31 -8.21
N TRP B 232 -0.98 -5.39 -8.06
CA TRP B 232 -0.12 -6.01 -9.07
C TRP B 232 -0.51 -7.46 -9.36
N ASN B 233 -0.82 -8.21 -8.30
CA ASN B 233 -1.25 -9.61 -8.43
C ASN B 233 -2.51 -9.74 -9.26
N LYS B 234 -3.48 -8.88 -9.00
CA LYS B 234 -4.75 -8.89 -9.73
C LYS B 234 -4.52 -8.64 -11.22
N VAL B 235 -3.61 -7.71 -11.52
CA VAL B 235 -3.25 -7.38 -12.90
C VAL B 235 -2.61 -8.60 -13.60
N ILE B 236 -1.67 -9.24 -12.91
CA ILE B 236 -0.90 -10.36 -13.47
C ILE B 236 -1.74 -11.59 -13.75
N GLU B 237 -2.61 -11.93 -12.81
CA GLU B 237 -3.49 -13.09 -12.93
C GLU B 237 -4.38 -13.02 -14.19
N GLN B 238 -4.81 -11.82 -14.55
CA GLN B 238 -5.73 -11.62 -15.68
C GLN B 238 -5.04 -11.35 -17.00
N LEU B 239 -4.05 -10.46 -17.01
CA LEU B 239 -3.36 -10.07 -18.24
C LEU B 239 -2.09 -10.88 -18.52
N GLY B 240 -1.60 -11.56 -17.48
CA GLY B 240 -0.39 -12.36 -17.54
C GLY B 240 0.88 -11.61 -17.17
N THR B 241 1.90 -12.37 -16.81
CA THR B 241 3.25 -11.85 -16.57
C THR B 241 3.70 -11.04 -17.80
N PRO B 242 4.18 -9.79 -17.57
CA PRO B 242 4.62 -8.95 -18.68
C PRO B 242 5.95 -9.42 -19.28
N SER B 243 6.27 -8.93 -20.47
CA SER B 243 7.42 -9.37 -21.24
C SER B 243 8.76 -9.05 -20.56
N ALA B 244 9.79 -9.76 -20.99
CA ALA B 244 11.16 -9.47 -20.58
C ALA B 244 11.61 -8.08 -21.02
N GLU B 245 11.10 -7.60 -22.17
CA GLU B 245 11.35 -6.24 -22.67
C GLU B 245 10.87 -5.20 -21.65
N PHE B 246 9.68 -5.45 -21.10
CA PHE B 246 9.13 -4.61 -20.06
C PHE B 246 10.02 -4.68 -18.82
N MET B 247 10.37 -5.90 -18.40
CA MET B 247 11.25 -6.15 -17.25
C MET B 247 12.54 -5.32 -17.31
N ALA B 248 13.17 -5.30 -18.49
CA ALA B 248 14.39 -4.53 -18.76
C ALA B 248 14.33 -3.06 -18.33
N ALA B 249 13.13 -2.48 -18.31
CA ALA B 249 12.97 -1.07 -17.93
C ALA B 249 12.88 -0.86 -16.42
N LEU B 250 12.85 -1.96 -15.68
CA LEU B 250 12.78 -1.90 -14.22
C LEU B 250 14.16 -1.84 -13.62
N GLN B 251 14.30 -1.16 -12.49
CA GLN B 251 15.48 -1.27 -11.68
C GLN B 251 15.57 -2.70 -11.15
N PRO B 252 16.80 -3.26 -11.07
CA PRO B 252 17.01 -4.65 -10.67
C PRO B 252 16.25 -5.11 -9.43
N THR B 253 16.14 -4.26 -8.43
CA THR B 253 15.47 -4.62 -7.18
C THR B 253 13.95 -4.73 -7.35
N VAL B 254 13.38 -3.83 -8.16
CA VAL B 254 11.96 -3.85 -8.50
C VAL B 254 11.67 -5.05 -9.40
N ARG B 255 12.57 -5.31 -10.34
CA ARG B 255 12.44 -6.47 -11.24
C ARG B 255 12.50 -7.81 -10.48
N ASN B 256 13.37 -7.88 -9.47
CA ASN B 256 13.46 -9.07 -8.62
C ASN B 256 12.12 -9.42 -7.97
N TYR B 257 11.43 -8.40 -7.46
CA TYR B 257 10.08 -8.58 -6.91
C TYR B 257 9.11 -9.11 -7.98
N VAL B 258 8.99 -8.37 -9.08
CA VAL B 258 8.12 -8.78 -10.19
C VAL B 258 8.35 -10.24 -10.61
N GLU B 259 9.62 -10.60 -10.84
CA GLU B 259 9.97 -11.96 -11.29
C GLU B 259 9.84 -13.06 -10.22
N ASN B 260 9.69 -12.68 -8.96
CA ASN B 260 9.49 -13.66 -7.89
C ASN B 260 8.01 -13.98 -7.62
N ARG B 261 7.11 -13.26 -8.30
CA ARG B 261 5.68 -13.59 -8.36
C ARG B 261 5.47 -14.89 -9.15
N PRO B 262 4.37 -15.63 -8.86
CA PRO B 262 4.01 -16.76 -9.72
C PRO B 262 3.77 -16.28 -11.15
N ALA B 263 4.19 -17.09 -12.13
CA ALA B 263 4.01 -16.74 -13.54
C ALA B 263 2.60 -17.02 -14.05
N TYR B 264 2.06 -16.09 -14.84
CA TYR B 264 0.75 -16.25 -15.44
C TYR B 264 0.80 -16.05 -16.95
N PRO B 265 0.12 -16.94 -17.71
CA PRO B 265 0.01 -16.78 -19.15
C PRO B 265 -0.91 -15.65 -19.59
N GLY B 266 -1.84 -15.26 -18.72
CA GLY B 266 -2.86 -14.28 -19.07
C GLY B 266 -4.11 -14.93 -19.61
N ILE B 267 -5.24 -14.26 -19.44
CA ILE B 267 -6.52 -14.75 -19.95
C ILE B 267 -6.88 -14.03 -21.26
N ALA B 268 -7.24 -14.79 -22.30
CA ALA B 268 -7.70 -14.22 -23.56
C ALA B 268 -8.81 -13.19 -23.33
N PHE B 269 -8.82 -12.13 -24.11
CA PHE B 269 -9.81 -11.07 -23.96
C PHE B 269 -11.23 -11.51 -24.34
N GLU B 270 -11.35 -12.51 -25.20
CA GLU B 270 -12.63 -13.16 -25.53
C GLU B 270 -13.20 -13.89 -24.33
N GLU B 271 -12.31 -14.27 -23.41
CA GLU B 271 -12.67 -14.96 -22.20
C GLU B 271 -12.91 -13.96 -21.08
N LEU B 272 -12.04 -12.95 -20.99
CA LEU B 272 -12.18 -11.88 -20.01
C LEU B 272 -13.44 -11.07 -20.23
N PHE B 273 -13.73 -10.77 -21.48
CA PHE B 273 -14.89 -9.99 -21.85
C PHE B 273 -15.70 -10.75 -22.90
N PRO B 274 -16.47 -11.75 -22.45
CA PRO B 274 -17.22 -12.64 -23.35
C PRO B 274 -18.37 -11.91 -24.03
N ASP B 275 -18.84 -12.46 -25.14
CA ASP B 275 -19.90 -11.84 -25.95
C ASP B 275 -21.17 -11.50 -25.15
N TRP B 276 -21.55 -12.38 -24.23
CA TRP B 276 -22.80 -12.25 -23.50
C TRP B 276 -22.92 -11.04 -22.55
N ILE B 277 -21.78 -10.58 -22.01
CA ILE B 277 -21.78 -9.36 -21.18
C ILE B 277 -21.96 -8.07 -22.00
N PHE B 278 -21.80 -8.18 -23.31
CA PHE B 278 -22.01 -7.06 -24.21
C PHE B 278 -23.46 -7.06 -24.72
N PRO B 279 -23.99 -5.89 -25.13
CA PRO B 279 -25.30 -5.86 -25.80
C PRO B 279 -25.32 -6.79 -27.01
N SER B 280 -26.40 -7.56 -27.15
CA SER B 280 -26.51 -8.56 -28.21
C SER B 280 -27.96 -8.81 -28.64
N GLU B 281 -28.69 -7.71 -28.86
CA GLU B 281 -30.09 -7.80 -29.29
C GLU B 281 -30.29 -7.57 -30.80
N SER B 282 -29.20 -7.26 -31.50
CA SER B 282 -29.24 -7.13 -32.96
C SER B 282 -27.92 -7.60 -33.57
N GLU B 283 -27.91 -7.80 -34.88
CA GLU B 283 -26.73 -8.29 -35.60
C GLU B 283 -25.61 -7.25 -35.72
N ARG B 284 -25.97 -5.96 -35.73
CA ARG B 284 -24.97 -4.88 -35.79
C ARG B 284 -24.19 -4.73 -34.47
N ASP B 285 -24.69 -5.35 -33.40
CA ASP B 285 -24.00 -5.38 -32.12
C ASP B 285 -22.76 -6.30 -32.15
N LYS B 286 -22.80 -7.33 -32.99
CA LYS B 286 -21.70 -8.29 -33.10
C LYS B 286 -20.36 -7.64 -33.44
N ILE B 287 -20.37 -6.72 -34.41
CA ILE B 287 -19.16 -6.03 -34.84
C ILE B 287 -18.69 -4.98 -33.84
N LYS B 288 -19.65 -4.28 -33.23
CA LYS B 288 -19.34 -3.29 -32.18
C LYS B 288 -18.71 -3.98 -30.97
N THR B 289 -19.11 -5.22 -30.71
CA THR B 289 -18.55 -6.05 -29.63
C THR B 289 -17.11 -6.45 -29.89
N SER B 290 -16.82 -6.83 -31.13
CA SER B 290 -15.44 -7.09 -31.55
C SER B 290 -14.59 -5.84 -31.44
N GLN B 291 -15.16 -4.69 -31.81
CA GLN B 291 -14.45 -3.41 -31.73
C GLN B 291 -14.17 -2.98 -30.27
N ALA B 292 -15.16 -3.15 -29.40
CA ALA B 292 -15.05 -2.77 -27.99
C ALA B 292 -13.99 -3.61 -27.28
N ARG B 293 -14.03 -4.93 -27.50
CA ARG B 293 -13.05 -5.86 -26.96
C ARG B 293 -11.64 -5.56 -27.48
N ASP B 294 -11.55 -5.18 -28.75
CA ASP B 294 -10.26 -4.83 -29.36
C ASP B 294 -9.65 -3.60 -28.69
N LEU B 295 -10.47 -2.58 -28.44
CA LEU B 295 -10.02 -1.36 -27.77
C LEU B 295 -9.55 -1.64 -26.33
N LEU B 296 -10.36 -2.36 -25.55
CA LEU B 296 -9.98 -2.87 -24.24
C LEU B 296 -8.61 -3.56 -24.26
N SER B 297 -8.38 -4.40 -25.27
CA SER B 297 -7.12 -5.14 -25.41
C SER B 297 -5.92 -4.24 -25.69
N LYS B 298 -6.18 -3.01 -26.12
CA LYS B 298 -5.12 -2.06 -26.42
C LYS B 298 -4.90 -1.07 -25.29
N MET B 299 -5.90 -0.88 -24.44
CA MET B 299 -5.81 0.04 -23.30
C MET B 299 -5.29 -0.67 -22.06
N LEU B 300 -5.80 -1.85 -21.80
CA LEU B 300 -5.36 -2.66 -20.65
C LEU B 300 -4.10 -3.44 -21.01
N VAL B 301 -3.02 -2.70 -21.21
CA VAL B 301 -1.72 -3.24 -21.55
C VAL B 301 -0.75 -2.79 -20.47
N ILE B 302 -0.07 -3.76 -19.85
CA ILE B 302 0.83 -3.45 -18.73
C ILE B 302 1.95 -2.51 -19.18
N ASP B 303 2.62 -2.86 -20.28
CA ASP B 303 3.75 -2.08 -20.80
C ASP B 303 3.27 -0.78 -21.48
N PRO B 304 3.58 0.39 -20.87
CA PRO B 304 3.14 1.67 -21.44
C PRO B 304 3.77 1.98 -22.80
N ASP B 305 4.88 1.31 -23.13
CA ASP B 305 5.49 1.44 -24.46
C ASP B 305 4.58 0.85 -25.54
N LYS B 306 3.71 -0.09 -25.17
CA LYS B 306 2.88 -0.80 -26.13
C LYS B 306 1.37 -0.47 -26.01
N ARG B 307 1.03 0.37 -25.02
CA ARG B 307 -0.35 0.78 -24.76
C ARG B 307 -0.79 1.91 -25.69
N ILE B 308 -2.02 1.82 -26.19
CA ILE B 308 -2.60 2.85 -27.05
C ILE B 308 -2.53 4.27 -26.44
N SER B 309 -2.40 5.28 -27.30
CA SER B 309 -2.42 6.67 -26.87
C SER B 309 -3.84 7.21 -26.94
N VAL B 310 -4.04 8.39 -26.36
CA VAL B 310 -5.34 9.07 -26.41
C VAL B 310 -5.77 9.35 -27.86
N ASP B 311 -4.84 9.84 -28.67
CA ASP B 311 -5.14 10.17 -30.07
C ASP B 311 -5.54 8.96 -30.91
N GLU B 312 -4.86 7.84 -30.71
CA GLU B 312 -5.20 6.58 -31.39
C GLU B 312 -6.52 5.99 -30.89
N ALA B 313 -6.79 6.13 -29.59
CA ALA B 313 -8.07 5.69 -29.00
C ALA B 313 -9.23 6.45 -29.61
N LEU B 314 -9.03 7.76 -29.80
CA LEU B 314 -10.04 8.64 -30.40
C LEU B 314 -10.33 8.31 -31.88
N ARG B 315 -9.38 7.63 -32.52
CA ARG B 315 -9.51 7.21 -33.93
C ARG B 315 -9.92 5.74 -34.06
N HIS B 316 -10.00 5.03 -32.94
CA HIS B 316 -10.47 3.64 -32.95
C HIS B 316 -11.90 3.57 -33.46
N PRO B 317 -12.22 2.54 -34.28
CA PRO B 317 -13.54 2.29 -34.84
C PRO B 317 -14.71 2.40 -33.85
N TYR B 318 -14.54 1.89 -32.64
CA TYR B 318 -15.59 1.95 -31.61
C TYR B 318 -15.88 3.39 -31.17
N ILE B 319 -14.88 4.26 -31.25
CA ILE B 319 -14.94 5.61 -30.67
C ILE B 319 -15.21 6.69 -31.72
N THR B 320 -14.52 6.57 -32.85
CA THR B 320 -14.45 7.63 -33.85
C THR B 320 -15.78 7.96 -34.55
N VAL B 321 -16.76 7.09 -34.36
CA VAL B 321 -18.11 7.29 -34.90
C VAL B 321 -18.70 8.62 -34.40
N TRP B 322 -18.18 9.12 -33.28
CA TRP B 322 -18.68 10.33 -32.63
C TRP B 322 -17.94 11.61 -33.02
N TYR B 323 -16.85 11.48 -33.77
CA TYR B 323 -16.02 12.63 -34.16
C TYR B 323 -16.67 13.47 -35.28
N ASP B 324 -16.77 14.78 -35.04
CA ASP B 324 -17.30 15.72 -36.02
C ASP B 324 -16.17 16.59 -36.56
N PRO B 325 -15.81 16.41 -37.85
CA PRO B 325 -14.71 17.14 -38.50
C PRO B 325 -14.97 18.65 -38.69
N ALA B 326 -16.23 19.06 -38.68
CA ALA B 326 -16.58 20.47 -38.73
C ALA B 326 -16.63 21.07 -37.32
N ALA B 330 -11.68 23.63 -29.84
CA ALA B 330 -11.59 24.32 -28.55
C ALA B 330 -10.17 24.85 -28.32
N PRO B 331 -10.06 26.14 -27.94
CA PRO B 331 -8.76 26.75 -27.66
C PRO B 331 -8.14 26.24 -26.37
N PRO B 332 -6.83 25.94 -26.37
CA PRO B 332 -6.09 25.57 -25.17
C PRO B 332 -6.08 26.72 -24.14
N PRO B 333 -6.13 26.37 -22.83
CA PRO B 333 -6.29 27.35 -21.74
C PRO B 333 -5.17 28.37 -21.64
N GLN B 334 -5.54 29.60 -21.29
CA GLN B 334 -4.58 30.67 -21.02
C GLN B 334 -4.12 30.56 -19.57
N ILE B 335 -3.24 29.60 -19.31
CA ILE B 335 -2.74 29.30 -17.97
C ILE B 335 -1.80 30.39 -17.48
N ARG B 343 6.14 24.15 -7.51
CA ARG B 343 5.81 25.44 -6.90
C ARG B 343 5.72 25.29 -5.37
N GLU B 344 6.60 25.99 -4.67
CA GLU B 344 6.65 25.91 -3.20
C GLU B 344 6.60 27.30 -2.55
N HIS B 345 5.70 27.45 -1.57
CA HIS B 345 5.48 28.72 -0.88
C HIS B 345 5.21 28.54 0.60
N ALA B 346 5.35 29.63 1.36
CA ALA B 346 4.91 29.69 2.74
C ALA B 346 3.38 29.69 2.78
N ILE B 347 2.80 29.10 3.81
CA ILE B 347 1.34 28.98 3.93
C ILE B 347 0.61 30.33 3.81
N GLU B 348 1.28 31.40 4.23
CA GLU B 348 0.74 32.75 4.14
C GLU B 348 0.81 33.29 2.70
N GLU B 349 1.83 32.86 1.96
CA GLU B 349 2.00 33.28 0.57
C GLU B 349 0.96 32.60 -0.33
N TRP B 350 0.66 31.34 -0.01
CA TRP B 350 -0.41 30.59 -0.67
C TRP B 350 -1.77 31.23 -0.42
N LYS B 351 -2.00 31.62 0.83
CA LYS B 351 -3.25 32.22 1.27
C LYS B 351 -3.58 33.50 0.49
N GLU B 352 -2.58 34.35 0.27
CA GLU B 352 -2.78 35.58 -0.51
C GLU B 352 -2.99 35.30 -1.99
N LEU B 353 -2.39 34.21 -2.48
CA LEU B 353 -2.59 33.77 -3.87
C LEU B 353 -4.02 33.32 -4.10
N ILE B 354 -4.51 32.46 -3.20
CA ILE B 354 -5.88 31.96 -3.23
C ILE B 354 -6.90 33.11 -3.07
N TYR B 355 -6.65 33.99 -2.11
CA TYR B 355 -7.54 35.12 -1.83
C TYR B 355 -7.69 36.03 -3.04
N LYS B 356 -6.57 36.31 -3.72
CA LYS B 356 -6.58 37.10 -4.95
C LYS B 356 -7.45 36.45 -6.03
N GLU B 357 -7.39 35.13 -6.11
CA GLU B 357 -8.13 34.36 -7.12
C GLU B 357 -9.64 34.39 -6.86
N VAL B 358 -10.02 34.38 -5.59
CA VAL B 358 -11.42 34.44 -5.19
C VAL B 358 -12.04 35.83 -5.43
N MET B 359 -11.23 36.88 -5.33
CA MET B 359 -11.74 38.25 -5.32
C MET B 359 -11.98 38.94 -6.68
N ASP B 360 -11.29 38.50 -7.73
CA ASP B 360 -11.45 39.14 -9.05
C ASP B 360 -12.71 38.70 -9.78
#